data_4INJ
#
_entry.id   4INJ
#
_cell.length_a   92.242
_cell.length_b   92.242
_cell.length_c   205.776
_cell.angle_alpha   90.00
_cell.angle_beta   90.00
_cell.angle_gamma   90.00
#
_symmetry.space_group_name_H-M   'P 41 21 2'
#
loop_
_entity.id
_entity.type
_entity.pdbx_description
1 polymer 'Lmo1638 protein'
2 non-polymer '[(2R,3S,4R,5R)-5-(6-AMINO-9H-PURIN-9-YL)-3,4-DIHYDROXYTETRAHYDRO-2-FURANYL]METHYL SULFAMATE'
3 non-polymer 'MAGNESIUM ION'
4 non-polymer GLYCEROL
5 non-polymer DI(HYDROXYETHYL)ETHER
6 water water
#
_entity_poly.entity_id   1
_entity_poly.type   'polypeptide(L)'
_entity_poly.pdbx_seq_one_letter_code
;SNAMIPAKLKQGDEIRIIAPSRSIGIMADNQVEIAVNRLTDMGFKVTFGEHVAEMDCMMSSSIRSRVADIHEAFNDSSVK
AILTVIGGFNSNQLLPYLDYDLISENPKILCGFADITALATAIYTQTELITYSGAHFSSFSMEKGLDYVMESFSDCLLQK
EPFALKESATWSDDEWYLDQENRNFIPNEGLVVMQPGVAEGIIIGGNLCTLNLLQGTEYMPNLAGTILFIEDDFMTIPET
FDRDLESLLSQPGADEIEGMVIGRFQQKTAMTAEKLAYIIETKTALQKIPVISGADFGHTQPIATFPIGGTARIDTNQTD
KIQIIRH
;
_entity_poly.pdbx_strand_id   A,B
#
# COMPACT_ATOMS: atom_id res chain seq x y z
N ASN A 2 -0.21 -31.43 -5.07
CA ASN A 2 -0.19 -30.34 -6.11
C ASN A 2 -1.58 -29.64 -6.37
N ALA A 3 -1.58 -28.70 -7.31
CA ALA A 3 -2.64 -27.70 -7.39
C ALA A 3 -3.89 -28.31 -7.98
N MET A 4 -5.06 -27.81 -7.56
CA MET A 4 -6.33 -28.32 -8.01
C MET A 4 -6.85 -27.42 -9.09
N ILE A 5 -6.98 -27.96 -10.30
CA ILE A 5 -7.63 -27.23 -11.38
C ILE A 5 -9.11 -27.51 -11.29
N PRO A 6 -9.92 -26.47 -11.08
CA PRO A 6 -11.33 -26.77 -10.97
C PRO A 6 -11.92 -27.09 -12.34
N ALA A 7 -13.02 -27.84 -12.35
CA ALA A 7 -13.71 -28.19 -13.59
C ALA A 7 -14.06 -26.94 -14.41
N LYS A 8 -13.74 -26.99 -15.68
CA LYS A 8 -14.16 -26.00 -16.66
C LYS A 8 -15.66 -25.90 -16.74
N LEU A 9 -16.16 -24.70 -16.96
CA LEU A 9 -17.59 -24.54 -17.23
C LEU A 9 -18.02 -25.21 -18.56
N LYS A 10 -19.27 -25.53 -18.62
CA LYS A 10 -19.84 -26.26 -19.73
C LYS A 10 -21.30 -25.81 -19.66
N GLN A 11 -22.00 -25.93 -20.79
CA GLN A 11 -23.30 -25.29 -21.05
C GLN A 11 -24.36 -25.78 -20.09
N GLY A 12 -25.19 -24.85 -19.60
CA GLY A 12 -26.16 -25.17 -18.53
C GLY A 12 -25.69 -25.02 -17.08
N ASP A 13 -24.37 -25.05 -16.84
CA ASP A 13 -23.81 -24.82 -15.49
C ASP A 13 -24.29 -23.54 -14.82
N GLU A 14 -24.43 -23.61 -13.50
CA GLU A 14 -24.85 -22.49 -12.68
C GLU A 14 -23.62 -21.70 -12.28
N ILE A 15 -23.79 -20.38 -12.21
CA ILE A 15 -22.74 -19.43 -11.88
C ILE A 15 -23.28 -18.51 -10.83
N ARG A 16 -22.56 -18.42 -9.72
CA ARG A 16 -23.05 -17.67 -8.58
C ARG A 16 -22.29 -16.35 -8.53
N ILE A 17 -23.02 -15.29 -8.30
CA ILE A 17 -22.52 -13.94 -8.24
C ILE A 17 -22.43 -13.55 -6.77
N ILE A 18 -21.24 -13.16 -6.30
CA ILE A 18 -21.10 -12.75 -4.92
C ILE A 18 -20.46 -11.39 -4.86
N ALA A 19 -20.59 -10.71 -3.72
CA ALA A 19 -20.04 -9.36 -3.58
C ALA A 19 -19.07 -9.18 -2.37
N PRO A 20 -17.88 -9.79 -2.48
CA PRO A 20 -16.96 -9.80 -1.38
C PRO A 20 -16.24 -8.50 -1.20
N SER A 21 -16.41 -7.59 -2.13
CA SER A 21 -15.79 -6.28 -2.05
C SER A 21 -16.91 -5.22 -1.94
N ARG A 22 -17.17 -4.44 -2.99
CA ARG A 22 -18.26 -3.47 -2.96
C ARG A 22 -19.60 -4.11 -3.38
N SER A 23 -20.67 -3.48 -2.92
CA SER A 23 -22.05 -4.03 -3.05
C SER A 23 -22.50 -3.94 -4.48
N ILE A 24 -23.32 -4.88 -4.94
CA ILE A 24 -23.99 -4.76 -6.25
C ILE A 24 -24.88 -3.49 -6.32
N GLY A 25 -25.16 -2.89 -5.19
CA GLY A 25 -25.84 -1.62 -5.16
C GLY A 25 -25.20 -0.43 -5.90
N ILE A 26 -23.90 -0.51 -6.19
CA ILE A 26 -23.27 0.59 -6.88
C ILE A 26 -23.50 0.40 -8.37
N MET A 27 -23.96 -0.79 -8.80
CA MET A 27 -24.31 -1.02 -10.21
C MET A 27 -25.76 -0.59 -10.39
N ALA A 28 -26.07 0.16 -11.45
CA ALA A 28 -27.44 0.56 -11.74
C ALA A 28 -28.25 -0.62 -12.22
N ASP A 29 -29.57 -0.57 -11.99
CA ASP A 29 -30.47 -1.70 -12.33
C ASP A 29 -30.24 -2.13 -13.77
N ASN A 30 -30.04 -1.13 -14.62
CA ASN A 30 -29.77 -1.35 -16.03
C ASN A 30 -28.51 -2.17 -16.30
N GLN A 31 -27.42 -1.91 -15.56
CA GLN A 31 -26.13 -2.64 -15.78
C GLN A 31 -26.29 -4.11 -15.38
N VAL A 32 -26.90 -4.33 -14.24
CA VAL A 32 -27.18 -5.71 -13.81
C VAL A 32 -27.81 -6.51 -14.95
N GLU A 33 -28.92 -5.97 -15.49
CA GLU A 33 -29.71 -6.64 -16.53
C GLU A 33 -28.83 -7.11 -17.71
N ILE A 34 -27.94 -6.22 -18.14
CA ILE A 34 -27.08 -6.56 -19.29
C ILE A 34 -26.16 -7.73 -18.97
N ALA A 35 -25.50 -7.67 -17.81
CA ALA A 35 -24.53 -8.70 -17.44
C ALA A 35 -25.24 -10.03 -17.27
N VAL A 36 -26.38 -9.98 -16.59
CA VAL A 36 -27.20 -11.19 -16.43
C VAL A 36 -27.45 -11.82 -17.82
N ASN A 37 -27.99 -10.99 -18.72
CA ASN A 37 -28.37 -11.47 -20.06
C ASN A 37 -27.21 -11.92 -20.84
N ARG A 38 -26.09 -11.27 -20.60
CA ARG A 38 -24.90 -11.57 -21.36
C ARG A 38 -24.39 -12.98 -21.05
N LEU A 39 -24.32 -13.27 -19.75
CA LEU A 39 -23.86 -14.58 -19.31
C LEU A 39 -24.93 -15.62 -19.57
N THR A 40 -26.17 -15.19 -19.51
CA THR A 40 -27.26 -16.10 -19.84
C THR A 40 -27.17 -16.50 -21.34
N ASP A 41 -26.91 -15.54 -22.24
CA ASP A 41 -26.68 -15.85 -23.68
C ASP A 41 -25.46 -16.72 -23.91
N MET A 42 -24.48 -16.65 -23.00
CA MET A 42 -23.29 -17.50 -23.12
C MET A 42 -23.61 -18.90 -22.72
N GLY A 43 -24.74 -19.05 -22.03
CA GLY A 43 -25.28 -20.37 -21.75
C GLY A 43 -25.22 -20.75 -20.29
N PHE A 44 -25.56 -19.81 -19.39
CA PHE A 44 -25.39 -20.10 -17.96
C PHE A 44 -26.54 -19.64 -17.12
N LYS A 45 -26.82 -20.41 -16.06
CA LYS A 45 -27.80 -19.99 -15.08
C LYS A 45 -27.04 -19.09 -14.15
N VAL A 46 -27.47 -17.84 -14.08
CA VAL A 46 -26.90 -16.88 -13.20
C VAL A 46 -27.73 -16.80 -11.97
N THR A 47 -27.07 -16.95 -10.81
CA THR A 47 -27.76 -16.76 -9.53
C THR A 47 -26.96 -15.83 -8.63
N PHE A 48 -27.61 -15.27 -7.64
CA PHE A 48 -27.01 -14.23 -6.82
C PHE A 48 -26.95 -14.61 -5.37
N GLY A 49 -25.83 -14.31 -4.71
CA GLY A 49 -25.72 -14.48 -3.29
C GLY A 49 -26.84 -13.77 -2.54
N GLU A 50 -27.24 -14.36 -1.42
CA GLU A 50 -28.25 -13.82 -0.53
C GLU A 50 -28.01 -12.36 -0.12
N HIS A 51 -26.75 -11.96 0.06
CA HIS A 51 -26.47 -10.61 0.58
C HIS A 51 -25.81 -9.63 -0.41
N VAL A 52 -25.86 -9.91 -1.71
CA VAL A 52 -25.13 -9.10 -2.67
C VAL A 52 -25.57 -7.61 -2.62
N ALA A 53 -26.82 -7.39 -2.25
CA ALA A 53 -27.41 -6.06 -2.37
C ALA A 53 -27.28 -5.27 -1.09
N GLU A 54 -26.70 -5.88 -0.07
CA GLU A 54 -26.53 -5.17 1.21
C GLU A 54 -25.49 -4.05 1.07
N MET A 55 -25.70 -2.90 1.70
CA MET A 55 -24.85 -1.77 1.48
C MET A 55 -24.56 -1.07 2.80
N ASP A 56 -23.31 -0.72 3.08
CA ASP A 56 -23.00 0.11 4.24
C ASP A 56 -22.36 1.42 3.80
N CYS A 57 -21.94 2.23 4.75
CA CYS A 57 -21.32 3.49 4.41
C CYS A 57 -20.05 3.42 3.54
N MET A 58 -19.43 2.23 3.42
CA MET A 58 -18.22 2.06 2.62
C MET A 58 -18.52 1.44 1.30
N MET A 59 -19.80 1.43 0.93
CA MET A 59 -20.28 0.85 -0.32
C MET A 59 -20.10 -0.65 -0.38
N SER A 60 -19.91 -1.28 0.78
CA SER A 60 -19.70 -2.76 0.84
C SER A 60 -20.72 -3.37 1.80
N SER A 61 -20.31 -4.33 2.59
CA SER A 61 -21.22 -5.01 3.49
C SER A 61 -20.40 -5.64 4.58
N SER A 62 -21.10 -6.18 5.56
CA SER A 62 -20.44 -6.73 6.73
C SER A 62 -19.61 -7.94 6.32
N ILE A 63 -18.63 -8.21 7.16
CA ILE A 63 -17.82 -9.43 7.05
C ILE A 63 -18.69 -10.70 7.02
N ARG A 64 -19.55 -10.85 8.04
CA ARG A 64 -20.34 -12.11 8.18
C ARG A 64 -21.23 -12.33 6.98
N SER A 65 -21.85 -11.28 6.48
CA SER A 65 -22.64 -11.44 5.23
C SER A 65 -21.87 -11.95 4.00
N ARG A 66 -20.66 -11.46 3.78
CA ARG A 66 -19.97 -11.77 2.54
C ARG A 66 -19.38 -13.13 2.67
N VAL A 67 -18.90 -13.40 3.88
CA VAL A 67 -18.41 -14.73 4.23
C VAL A 67 -19.48 -15.81 3.98
N ALA A 68 -20.69 -15.52 4.44
CA ALA A 68 -21.76 -16.51 4.28
C ALA A 68 -22.01 -16.78 2.77
N ASP A 69 -22.04 -15.74 1.95
CA ASP A 69 -22.30 -15.89 0.52
C ASP A 69 -21.20 -16.67 -0.07
N ILE A 70 -19.96 -16.48 0.44
CA ILE A 70 -18.84 -17.29 -0.07
C ILE A 70 -18.95 -18.77 0.30
N HIS A 71 -19.25 -19.05 1.56
CA HIS A 71 -19.45 -20.45 2.03
C HIS A 71 -20.62 -21.15 1.35
N GLU A 72 -21.76 -20.48 1.28
CA GLU A 72 -22.91 -21.03 0.55
C GLU A 72 -22.50 -21.35 -0.89
N ALA A 73 -21.77 -20.43 -1.51
CA ALA A 73 -21.41 -20.57 -2.92
C ALA A 73 -20.53 -21.79 -3.15
N PHE A 74 -19.56 -21.96 -2.24
CA PHE A 74 -18.70 -23.13 -2.31
C PHE A 74 -19.44 -24.44 -1.90
N ASN A 75 -20.34 -24.32 -0.95
CA ASN A 75 -20.98 -25.51 -0.43
C ASN A 75 -22.08 -26.04 -1.34
N ASP A 76 -22.62 -25.17 -2.17
CA ASP A 76 -23.66 -25.53 -3.12
C ASP A 76 -23.06 -26.24 -4.33
N SER A 77 -23.46 -27.50 -4.51
CA SER A 77 -22.83 -28.35 -5.50
C SER A 77 -23.27 -28.00 -6.94
N SER A 78 -24.45 -27.41 -7.12
CA SER A 78 -24.85 -26.98 -8.47
C SER A 78 -23.99 -25.83 -9.02
N VAL A 79 -23.35 -25.07 -8.12
CA VAL A 79 -22.54 -23.90 -8.52
C VAL A 79 -21.19 -24.38 -9.01
N LYS A 80 -20.89 -24.02 -10.26
CA LYS A 80 -19.67 -24.45 -10.97
C LYS A 80 -18.64 -23.35 -11.09
N ALA A 81 -19.08 -22.11 -10.88
CA ALA A 81 -18.19 -20.96 -10.96
C ALA A 81 -18.79 -19.87 -10.14
N ILE A 82 -17.90 -19.05 -9.61
CA ILE A 82 -18.24 -17.96 -8.70
C ILE A 82 -17.60 -16.69 -9.27
N LEU A 83 -18.40 -15.66 -9.42
CA LEU A 83 -17.95 -14.42 -10.05
C LEU A 83 -18.21 -13.32 -9.09
N THR A 84 -17.21 -12.46 -8.90
CA THR A 84 -17.42 -11.33 -8.02
C THR A 84 -18.14 -10.25 -8.77
N VAL A 85 -18.89 -9.46 -8.03
CA VAL A 85 -19.62 -8.39 -8.64
C VAL A 85 -18.63 -7.36 -9.23
N ILE A 86 -17.76 -6.84 -8.36
CA ILE A 86 -16.90 -5.74 -8.62
C ILE A 86 -15.80 -5.73 -7.53
N GLY A 87 -14.73 -4.98 -7.76
CA GLY A 87 -13.68 -4.75 -6.78
C GLY A 87 -14.08 -3.75 -5.77
N GLY A 88 -13.11 -3.01 -5.25
CA GLY A 88 -13.34 -2.23 -4.04
C GLY A 88 -12.05 -2.20 -3.21
N PHE A 89 -12.13 -2.58 -1.94
CA PHE A 89 -11.01 -2.30 -1.07
C PHE A 89 -10.82 -3.33 0.07
N ASN A 90 -11.86 -4.08 0.42
CA ASN A 90 -11.92 -4.67 1.74
C ASN A 90 -12.07 -6.19 1.71
N SER A 91 -11.82 -6.84 0.58
CA SER A 91 -11.90 -8.28 0.58
C SER A 91 -10.84 -8.87 1.52
N ASN A 92 -9.78 -8.13 1.84
CA ASN A 92 -8.78 -8.64 2.77
C ASN A 92 -9.31 -8.84 4.20
N GLN A 93 -10.40 -8.15 4.55
CA GLN A 93 -11.03 -8.30 5.86
C GLN A 93 -11.52 -9.73 6.11
N LEU A 94 -11.85 -10.44 5.05
CA LEU A 94 -12.57 -11.68 5.15
C LEU A 94 -11.67 -12.90 5.46
N LEU A 95 -10.37 -12.71 5.27
CA LEU A 95 -9.39 -13.80 5.21
C LEU A 95 -9.35 -14.70 6.47
N PRO A 96 -9.31 -14.11 7.66
CA PRO A 96 -9.28 -14.87 8.89
C PRO A 96 -10.56 -15.66 9.12
N TYR A 97 -11.67 -15.25 8.55
CA TYR A 97 -12.98 -15.84 8.82
C TYR A 97 -13.40 -16.98 7.87
N LEU A 98 -12.58 -17.30 6.88
CA LEU A 98 -13.00 -18.29 5.88
C LEU A 98 -12.65 -19.74 6.25
N ASP A 99 -13.63 -20.63 6.10
CA ASP A 99 -13.41 -22.06 6.22
C ASP A 99 -12.73 -22.60 4.96
N TYR A 100 -11.42 -22.61 4.99
CA TYR A 100 -10.63 -23.11 3.88
C TYR A 100 -10.75 -24.62 3.69
N ASP A 101 -11.16 -25.35 4.72
CA ASP A 101 -11.38 -26.81 4.55
C ASP A 101 -12.60 -27.03 3.66
N LEU A 102 -13.64 -26.28 3.96
CA LEU A 102 -14.86 -26.29 3.13
C LEU A 102 -14.54 -26.01 1.65
N ILE A 103 -13.69 -25.02 1.42
CA ILE A 103 -13.34 -24.63 0.07
C ILE A 103 -12.53 -25.71 -0.63
N SER A 104 -11.49 -26.20 0.02
CA SER A 104 -10.67 -27.26 -0.60
C SER A 104 -11.49 -28.54 -0.85
N GLU A 105 -12.57 -28.72 -0.10
CA GLU A 105 -13.46 -29.85 -0.33
C GLU A 105 -14.39 -29.58 -1.52
N ASN A 106 -14.49 -28.33 -1.96
CA ASN A 106 -15.43 -27.96 -3.02
C ASN A 106 -14.74 -27.14 -4.10
N PRO A 107 -13.75 -27.73 -4.77
CA PRO A 107 -13.06 -27.01 -5.83
C PRO A 107 -14.02 -26.57 -6.94
N LYS A 108 -13.97 -25.29 -7.27
CA LYS A 108 -14.68 -24.76 -8.45
C LYS A 108 -14.06 -23.39 -8.80
N ILE A 109 -14.49 -22.81 -9.90
CA ILE A 109 -13.92 -21.58 -10.41
C ILE A 109 -14.33 -20.41 -9.53
N LEU A 110 -13.34 -19.57 -9.23
CA LEU A 110 -13.57 -18.26 -8.61
C LEU A 110 -12.82 -17.19 -9.47
N CYS A 111 -13.52 -16.13 -9.91
CA CYS A 111 -12.98 -15.20 -10.89
C CYS A 111 -13.41 -13.78 -10.58
N GLY A 112 -12.50 -12.85 -10.81
CA GLY A 112 -12.64 -11.44 -10.41
C GLY A 112 -11.26 -10.79 -10.46
N PHE A 113 -11.15 -9.48 -10.30
CA PHE A 113 -9.80 -8.90 -10.32
C PHE A 113 -9.72 -7.72 -9.40
N ALA A 114 -8.55 -7.09 -9.41
CA ALA A 114 -8.28 -5.91 -8.57
C ALA A 114 -8.37 -6.32 -7.11
N ASP A 115 -9.29 -5.75 -6.33
CA ASP A 115 -9.31 -6.04 -4.92
C ASP A 115 -9.44 -7.54 -4.61
N ILE A 116 -10.06 -8.24 -5.54
CA ILE A 116 -10.34 -9.63 -5.41
C ILE A 116 -9.04 -10.45 -5.42
N THR A 117 -7.95 -9.84 -5.89
CA THR A 117 -6.61 -10.43 -5.80
C THR A 117 -6.35 -11.02 -4.40
N ALA A 118 -6.74 -10.28 -3.36
CA ALA A 118 -6.58 -10.70 -2.01
C ALA A 118 -7.26 -12.03 -1.75
N LEU A 119 -8.56 -12.05 -2.01
CA LEU A 119 -9.38 -13.24 -1.78
C LEU A 119 -8.91 -14.42 -2.61
N ALA A 120 -8.74 -14.19 -3.90
CA ALA A 120 -8.33 -15.22 -4.82
C ALA A 120 -6.94 -15.84 -4.46
N THR A 121 -6.00 -14.97 -4.07
CA THR A 121 -4.68 -15.37 -3.74
C THR A 121 -4.70 -16.14 -2.42
N ALA A 122 -5.51 -15.69 -1.48
CA ALA A 122 -5.54 -16.34 -0.18
C ALA A 122 -6.08 -17.75 -0.32
N ILE A 123 -7.09 -17.91 -1.18
CA ILE A 123 -7.67 -19.25 -1.39
C ILE A 123 -6.72 -20.19 -2.09
N TYR A 124 -5.89 -19.70 -3.00
CA TYR A 124 -4.86 -20.53 -3.58
C TYR A 124 -3.81 -20.97 -2.55
N THR A 125 -3.31 -20.03 -1.76
CA THR A 125 -2.26 -20.32 -0.81
C THR A 125 -2.70 -21.22 0.33
N GLN A 126 -3.93 -21.10 0.76
CA GLN A 126 -4.40 -21.91 1.87
C GLN A 126 -4.91 -23.29 1.44
N THR A 127 -5.16 -23.47 0.15
CA THR A 127 -6.05 -24.53 -0.31
C THR A 127 -5.48 -25.20 -1.52
N GLU A 128 -4.63 -24.49 -2.24
CA GLU A 128 -4.06 -24.99 -3.46
C GLU A 128 -5.07 -25.07 -4.62
N LEU A 129 -6.25 -24.54 -4.44
CA LEU A 129 -7.18 -24.43 -5.53
C LEU A 129 -6.71 -23.30 -6.40
N ILE A 130 -6.59 -23.54 -7.69
CA ILE A 130 -6.28 -22.48 -8.63
C ILE A 130 -7.45 -21.55 -8.79
N THR A 131 -7.16 -20.26 -8.70
CA THR A 131 -8.17 -19.25 -8.86
C THR A 131 -7.85 -18.39 -10.08
N TYR A 132 -8.71 -17.41 -10.36
CA TYR A 132 -8.59 -16.63 -11.60
C TYR A 132 -8.65 -15.11 -11.44
N SER A 133 -7.71 -14.46 -12.11
CA SER A 133 -7.73 -13.02 -12.21
C SER A 133 -8.37 -12.74 -13.53
N GLY A 134 -9.55 -12.16 -13.50
CA GLY A 134 -10.32 -11.95 -14.71
C GLY A 134 -11.58 -11.20 -14.46
N ALA A 135 -12.47 -11.32 -15.44
CA ALA A 135 -13.74 -10.64 -15.46
C ALA A 135 -14.54 -10.75 -14.21
N HIS A 136 -14.94 -9.62 -13.65
CA HIS A 136 -16.08 -9.50 -12.75
C HIS A 136 -17.41 -9.81 -13.46
N PHE A 137 -18.49 -9.94 -12.70
CA PHE A 137 -19.84 -10.06 -13.23
C PHE A 137 -20.09 -8.78 -14.00
N SER A 138 -19.80 -7.65 -13.35
CA SER A 138 -19.99 -6.31 -13.92
C SER A 138 -19.18 -6.05 -15.20
N SER A 139 -18.12 -6.84 -15.44
CA SER A 139 -17.37 -6.72 -16.65
C SER A 139 -18.20 -7.05 -17.89
N PHE A 140 -19.12 -8.01 -17.76
CA PHE A 140 -19.97 -8.44 -18.86
C PHE A 140 -21.12 -7.44 -19.16
N SER A 141 -21.19 -6.34 -18.42
CA SER A 141 -22.17 -5.31 -18.75
C SER A 141 -21.61 -4.29 -19.74
N MET A 142 -20.47 -4.57 -20.36
CA MET A 142 -19.82 -3.63 -21.26
C MET A 142 -20.27 -3.93 -22.68
N GLU A 143 -20.92 -2.96 -23.33
CA GLU A 143 -21.58 -3.21 -24.65
C GLU A 143 -20.51 -3.19 -25.72
N LYS A 144 -19.65 -2.17 -25.69
CA LYS A 144 -18.59 -2.16 -26.73
C LYS A 144 -17.24 -2.72 -26.30
N GLY A 145 -16.65 -3.52 -27.17
CA GLY A 145 -15.28 -3.98 -27.02
C GLY A 145 -15.15 -5.33 -26.35
N LEU A 146 -16.31 -5.95 -26.12
CA LEU A 146 -16.42 -7.06 -25.19
C LEU A 146 -15.87 -8.32 -25.74
N ASP A 147 -15.78 -8.44 -27.05
CA ASP A 147 -15.43 -9.70 -27.66
C ASP A 147 -14.22 -10.33 -27.02
N TYR A 148 -13.16 -9.56 -26.77
CA TYR A 148 -11.90 -10.08 -26.26
C TYR A 148 -12.11 -10.67 -24.88
N VAL A 149 -12.82 -9.94 -24.03
CA VAL A 149 -13.15 -10.41 -22.68
C VAL A 149 -13.74 -11.82 -22.71
N MET A 150 -14.79 -12.01 -23.51
CA MET A 150 -15.45 -13.33 -23.62
C MET A 150 -14.53 -14.39 -24.18
N GLU A 151 -13.76 -14.02 -25.20
CA GLU A 151 -12.84 -14.98 -25.80
C GLU A 151 -11.80 -15.47 -24.79
N SER A 152 -11.25 -14.56 -23.99
CA SER A 152 -10.21 -14.96 -23.03
C SER A 152 -10.90 -15.69 -21.90
N PHE A 153 -12.02 -15.15 -21.43
CA PHE A 153 -12.83 -15.83 -20.41
C PHE A 153 -13.13 -17.26 -20.86
N SER A 154 -13.48 -17.41 -22.13
CA SER A 154 -13.77 -18.74 -22.69
C SER A 154 -12.54 -19.59 -22.90
N ASP A 155 -11.44 -19.00 -23.33
CA ASP A 155 -10.20 -19.75 -23.45
C ASP A 155 -9.72 -20.28 -22.12
N CYS A 156 -9.96 -19.52 -21.07
CA CYS A 156 -9.43 -19.84 -19.75
C CYS A 156 -10.33 -20.80 -19.01
N LEU A 157 -11.64 -20.68 -19.20
CA LEU A 157 -12.59 -21.33 -18.33
C LEU A 157 -13.53 -22.35 -18.98
N LEU A 158 -13.72 -22.34 -20.31
CA LEU A 158 -14.58 -23.34 -20.99
C LEU A 158 -13.81 -24.35 -21.78
N GLN A 159 -12.50 -24.24 -21.78
CA GLN A 159 -11.75 -25.16 -22.55
C GLN A 159 -10.48 -25.35 -21.82
N LYS A 160 -9.77 -26.43 -22.10
CA LYS A 160 -8.65 -26.80 -21.23
C LYS A 160 -7.27 -26.82 -21.84
N GLU A 161 -7.16 -26.54 -23.12
CA GLU A 161 -5.86 -26.61 -23.78
C GLU A 161 -5.08 -25.31 -23.57
N PRO A 162 -3.72 -25.40 -23.59
CA PRO A 162 -3.00 -24.14 -23.54
C PRO A 162 -3.51 -23.09 -24.45
N PHE A 163 -3.45 -21.83 -24.03
CA PHE A 163 -3.78 -20.75 -24.93
C PHE A 163 -2.86 -19.55 -24.72
N ALA A 164 -2.92 -18.63 -25.67
CA ALA A 164 -2.06 -17.49 -25.69
C ALA A 164 -2.85 -16.31 -25.25
N LEU A 165 -2.18 -15.44 -24.49
CA LEU A 165 -2.79 -14.24 -24.02
C LEU A 165 -2.52 -13.19 -25.10
N LYS A 166 -3.33 -13.26 -26.15
CA LYS A 166 -3.09 -12.46 -27.36
C LYS A 166 -3.15 -10.98 -27.05
N GLU A 167 -2.49 -10.18 -27.90
CA GLU A 167 -2.59 -8.72 -27.82
C GLU A 167 -3.90 -8.32 -28.51
N SER A 168 -4.70 -7.49 -27.88
CA SER A 168 -5.86 -6.99 -28.50
C SER A 168 -5.48 -6.14 -29.74
N ALA A 169 -6.46 -5.84 -30.58
CA ALA A 169 -6.27 -4.99 -31.72
C ALA A 169 -6.42 -3.57 -31.24
N THR A 170 -7.38 -3.33 -30.36
CA THR A 170 -7.52 -2.02 -29.75
C THR A 170 -7.78 -2.10 -28.24
N TRP A 171 -7.51 -1.00 -27.56
CA TRP A 171 -7.72 -0.95 -26.15
C TRP A 171 -8.22 0.44 -25.82
N SER A 172 -8.78 0.61 -24.63
CA SER A 172 -9.35 1.86 -24.24
C SER A 172 -9.28 2.02 -22.73
N ASP A 173 -9.61 3.21 -22.26
CA ASP A 173 -9.52 3.58 -20.88
C ASP A 173 -10.66 4.48 -20.65
N ASP A 174 -11.87 3.93 -20.73
CA ASP A 174 -13.08 4.78 -20.65
C ASP A 174 -13.92 4.40 -19.45
N GLU A 175 -14.64 5.38 -18.92
CA GLU A 175 -15.63 5.15 -17.89
C GLU A 175 -16.90 4.71 -18.62
N TRP A 176 -16.83 3.52 -19.19
CA TRP A 176 -17.90 3.01 -20.02
C TRP A 176 -19.24 2.70 -19.30
N TYR A 177 -19.21 2.45 -17.99
CA TYR A 177 -20.45 2.17 -17.28
C TYR A 177 -21.31 3.43 -17.22
N LEU A 178 -20.66 4.58 -17.33
CA LEU A 178 -21.33 5.88 -17.29
C LEU A 178 -21.72 6.35 -18.69
N ASP A 179 -20.89 6.01 -19.69
CA ASP A 179 -21.12 6.35 -21.09
C ASP A 179 -20.72 5.21 -21.96
N GLN A 180 -21.71 4.50 -22.47
CA GLN A 180 -21.49 3.31 -23.23
C GLN A 180 -21.34 3.48 -24.75
N GLU A 181 -21.84 4.59 -25.32
CA GLU A 181 -21.76 4.83 -26.78
C GLU A 181 -20.44 5.53 -27.11
N ASN A 182 -20.08 6.50 -26.29
CA ASN A 182 -18.89 7.32 -26.55
C ASN A 182 -17.60 6.78 -25.94
N ARG A 183 -16.97 5.86 -26.66
CA ARG A 183 -15.76 5.17 -26.23
C ARG A 183 -14.64 5.56 -27.17
N ASN A 184 -13.39 5.29 -26.78
CA ASN A 184 -12.23 5.72 -27.53
C ASN A 184 -11.26 4.59 -27.64
N PHE A 185 -11.48 3.72 -28.61
CA PHE A 185 -10.60 2.61 -28.86
C PHE A 185 -9.34 3.13 -29.50
N ILE A 186 -8.21 2.52 -29.14
CA ILE A 186 -6.89 3.01 -29.51
C ILE A 186 -6.13 1.85 -30.09
N PRO A 187 -5.45 2.05 -31.24
CA PRO A 187 -4.72 0.91 -31.75
C PRO A 187 -3.65 0.48 -30.77
N ASN A 188 -3.70 -0.78 -30.45
CA ASN A 188 -2.75 -1.34 -29.52
C ASN A 188 -1.38 -1.43 -30.20
N GLU A 189 -0.45 -0.58 -29.78
CA GLU A 189 0.94 -0.61 -30.27
C GLU A 189 1.65 -1.87 -29.83
N GLY A 190 1.00 -2.64 -28.97
CA GLY A 190 1.41 -4.00 -28.64
C GLY A 190 2.23 -4.11 -27.38
N LEU A 191 2.60 -5.33 -27.05
CA LEU A 191 3.48 -5.62 -25.94
C LEU A 191 4.82 -4.94 -26.15
N VAL A 192 5.60 -4.82 -25.08
CA VAL A 192 6.84 -4.07 -25.08
C VAL A 192 7.82 -4.89 -24.33
N VAL A 193 8.88 -5.29 -25.03
CA VAL A 193 9.90 -6.08 -24.42
C VAL A 193 10.89 -5.17 -23.70
N MET A 194 10.94 -5.32 -22.38
CA MET A 194 11.74 -4.43 -21.56
C MET A 194 12.98 -5.11 -21.14
N GLN A 195 12.87 -6.38 -20.87
CA GLN A 195 14.04 -7.22 -20.76
C GLN A 195 13.73 -8.51 -21.52
N PRO A 196 14.67 -8.92 -22.41
CA PRO A 196 14.44 -10.11 -23.21
C PRO A 196 14.72 -11.35 -22.37
N GLY A 197 14.19 -12.48 -22.80
CA GLY A 197 14.42 -13.75 -22.14
C GLY A 197 13.33 -14.77 -22.47
N VAL A 198 13.41 -15.90 -21.79
CA VAL A 198 12.44 -16.93 -21.91
C VAL A 198 12.28 -17.52 -20.52
N ALA A 199 11.07 -17.85 -20.12
CA ALA A 199 10.89 -18.57 -18.86
C ALA A 199 9.51 -19.22 -18.73
N GLU A 200 9.38 -19.99 -17.67
CA GLU A 200 8.25 -20.82 -17.46
C GLU A 200 8.02 -20.89 -15.95
N GLY A 201 6.79 -20.75 -15.52
CA GLY A 201 6.57 -20.78 -14.09
C GLY A 201 5.15 -20.63 -13.61
N ILE A 202 5.02 -20.75 -12.30
CA ILE A 202 3.74 -20.55 -11.65
C ILE A 202 3.28 -19.05 -11.60
N ILE A 203 2.03 -18.81 -11.94
CA ILE A 203 1.53 -17.46 -12.09
C ILE A 203 1.01 -16.95 -10.78
N ILE A 204 1.55 -15.79 -10.38
CA ILE A 204 1.10 -15.03 -9.22
C ILE A 204 0.97 -13.59 -9.66
N GLY A 205 -0.03 -12.95 -9.07
CA GLY A 205 -0.22 -11.50 -9.20
C GLY A 205 -1.68 -11.12 -9.25
N GLY A 206 -1.97 -10.22 -10.19
CA GLY A 206 -3.14 -9.40 -10.16
C GLY A 206 -2.73 -7.98 -9.73
N ASN A 207 -3.50 -7.40 -8.80
CA ASN A 207 -3.33 -6.03 -8.38
C ASN A 207 -2.22 -5.93 -7.32
N LEU A 208 -1.23 -5.11 -7.64
CA LEU A 208 -0.03 -5.01 -6.88
C LEU A 208 -0.24 -4.52 -5.45
N CYS A 209 -0.94 -3.40 -5.31
CA CYS A 209 -1.06 -2.84 -3.99
C CYS A 209 -1.97 -3.70 -3.14
N THR A 210 -2.81 -4.49 -3.79
CA THR A 210 -3.61 -5.46 -3.09
C THR A 210 -2.85 -6.72 -2.62
N LEU A 211 -2.02 -7.25 -3.48
CA LEU A 211 -1.16 -8.36 -3.12
C LEU A 211 -0.18 -7.95 -2.02
N ASN A 212 0.29 -6.71 -2.04
CA ASN A 212 1.09 -6.14 -0.94
C ASN A 212 0.40 -6.40 0.38
N LEU A 213 -0.92 -6.39 0.41
CA LEU A 213 -1.58 -6.41 1.71
C LEU A 213 -1.42 -7.72 2.41
N LEU A 214 -1.17 -8.81 1.64
CA LEU A 214 -0.97 -10.10 2.23
C LEU A 214 0.44 -10.28 2.78
N GLN A 215 1.37 -9.40 2.37
CA GLN A 215 2.78 -9.49 2.87
C GLN A 215 2.88 -9.62 4.42
N GLY A 216 3.63 -10.60 4.93
CA GLY A 216 3.76 -10.77 6.37
C GLY A 216 2.65 -11.58 6.97
N THR A 217 1.76 -12.08 6.12
CA THR A 217 0.67 -12.96 6.56
C THR A 217 0.87 -14.41 6.08
N GLU A 218 0.18 -15.31 6.74
CA GLU A 218 -0.11 -16.67 6.27
C GLU A 218 -0.44 -16.77 4.80
N TYR A 219 -1.09 -15.75 4.25
CA TYR A 219 -1.76 -15.86 2.96
C TYR A 219 -0.86 -15.49 1.81
N MET A 220 0.29 -14.93 2.12
CA MET A 220 1.17 -14.55 1.07
C MET A 220 1.78 -15.80 0.40
N PRO A 221 1.68 -15.89 -0.93
CA PRO A 221 2.41 -16.94 -1.64
C PRO A 221 3.92 -16.69 -1.69
N ASN A 222 4.70 -17.77 -1.58
CA ASN A 222 6.14 -17.68 -1.85
C ASN A 222 6.34 -17.38 -3.32
N LEU A 223 7.33 -16.58 -3.67
CA LEU A 223 7.49 -16.17 -5.06
C LEU A 223 8.50 -16.97 -5.87
N ALA A 224 9.05 -18.03 -5.27
CA ALA A 224 10.09 -18.83 -5.94
C ALA A 224 9.52 -19.54 -7.16
N GLY A 225 10.14 -19.33 -8.32
CA GLY A 225 9.71 -19.98 -9.53
C GLY A 225 8.38 -19.50 -10.06
N THR A 226 8.16 -18.18 -10.04
CA THR A 226 6.88 -17.62 -10.48
C THR A 226 7.08 -16.70 -11.65
N ILE A 227 6.09 -16.62 -12.53
CA ILE A 227 5.96 -15.46 -13.42
C ILE A 227 5.00 -14.50 -12.68
N LEU A 228 5.39 -13.23 -12.53
CA LEU A 228 4.56 -12.25 -11.87
C LEU A 228 3.77 -11.47 -12.90
N PHE A 229 2.45 -11.48 -12.70
CA PHE A 229 1.55 -10.75 -13.53
C PHE A 229 1.02 -9.68 -12.63
N ILE A 230 1.39 -8.45 -12.90
CA ILE A 230 1.25 -7.36 -11.98
C ILE A 230 0.56 -6.20 -12.70
N GLU A 231 -0.26 -5.46 -11.99
CA GLU A 231 -0.97 -4.38 -12.57
C GLU A 231 -1.41 -3.45 -11.44
N ASP A 232 -1.70 -2.18 -11.73
CA ASP A 232 -2.43 -1.34 -10.78
C ASP A 232 -3.21 -0.29 -11.49
N ASP A 233 -4.10 0.36 -10.77
CA ASP A 233 -5.09 1.27 -11.38
C ASP A 233 -4.64 2.71 -11.38
N PHE A 234 -5.53 3.63 -11.71
CA PHE A 234 -5.20 5.01 -12.03
C PHE A 234 -4.79 5.77 -10.78
N MET A 235 -5.11 5.22 -9.62
CA MET A 235 -4.66 5.86 -8.37
C MET A 235 -3.16 5.72 -8.16
N THR A 236 -2.53 4.74 -8.80
CA THR A 236 -1.10 4.61 -8.61
C THR A 236 -0.43 5.56 -9.56
N ILE A 237 0.61 6.20 -9.07
CA ILE A 237 1.53 6.91 -9.93
C ILE A 237 2.85 6.09 -10.00
N PRO A 238 3.73 6.42 -10.95
CA PRO A 238 4.91 5.56 -11.12
C PRO A 238 5.69 5.41 -9.83
N GLU A 239 5.71 6.44 -9.02
CA GLU A 239 6.47 6.42 -7.79
C GLU A 239 5.85 5.46 -6.76
N THR A 240 4.54 5.31 -6.80
CA THR A 240 3.87 4.41 -5.86
C THR A 240 3.98 3.00 -6.40
N PHE A 241 3.93 2.87 -7.72
CA PHE A 241 4.14 1.59 -8.35
C PHE A 241 5.53 1.07 -8.01
N ASP A 242 6.52 1.96 -8.04
CA ASP A 242 7.89 1.61 -7.69
C ASP A 242 8.01 1.11 -6.26
N ARG A 243 7.48 1.86 -5.32
CA ARG A 243 7.68 1.51 -3.93
C ARG A 243 6.93 0.22 -3.59
N ASP A 244 5.78 0.03 -4.23
CA ASP A 244 4.96 -1.16 -3.97
C ASP A 244 5.60 -2.40 -4.59
N LEU A 245 6.33 -2.19 -5.68
CA LEU A 245 7.01 -3.30 -6.37
C LEU A 245 8.30 -3.68 -5.65
N GLU A 246 9.06 -2.69 -5.20
CA GLU A 246 10.23 -2.93 -4.37
C GLU A 246 9.85 -3.74 -3.14
N SER A 247 8.69 -3.44 -2.58
CA SER A 247 8.21 -4.17 -1.40
C SER A 247 7.92 -5.64 -1.76
N LEU A 248 7.24 -5.83 -2.89
CA LEU A 248 6.90 -7.16 -3.32
C LEU A 248 8.15 -7.99 -3.55
N LEU A 249 9.13 -7.37 -4.22
CA LEU A 249 10.34 -8.05 -4.58
C LEU A 249 11.35 -8.15 -3.45
N SER A 250 10.92 -7.88 -2.21
CA SER A 250 11.70 -8.09 -0.98
C SER A 250 11.11 -9.21 -0.21
N GLN A 251 10.10 -9.86 -0.77
CA GLN A 251 9.40 -10.94 -0.04
C GLN A 251 10.10 -12.33 -0.26
N PRO A 252 9.79 -13.34 0.58
CA PRO A 252 10.35 -14.68 0.42
C PRO A 252 10.13 -15.25 -0.98
N GLY A 253 11.23 -15.68 -1.62
CA GLY A 253 11.18 -16.36 -2.92
C GLY A 253 11.47 -15.45 -4.08
N ALA A 254 11.55 -14.16 -3.78
CA ALA A 254 11.71 -13.14 -4.79
C ALA A 254 13.04 -13.22 -5.47
N ASP A 255 14.06 -13.75 -4.78
CA ASP A 255 15.34 -14.02 -5.48
C ASP A 255 15.21 -14.97 -6.69
N GLU A 256 14.11 -15.73 -6.75
CA GLU A 256 13.95 -16.86 -7.63
C GLU A 256 12.74 -16.67 -8.53
N ILE A 257 12.49 -15.43 -8.86
CA ILE A 257 11.43 -15.11 -9.78
C ILE A 257 11.90 -15.40 -11.19
N GLU A 258 11.05 -16.03 -11.98
CA GLU A 258 11.39 -16.43 -13.33
C GLU A 258 11.11 -15.35 -14.35
N GLY A 259 10.07 -14.56 -14.12
CA GLY A 259 9.81 -13.42 -15.01
C GLY A 259 8.64 -12.56 -14.58
N MET A 260 8.32 -11.58 -15.41
CA MET A 260 7.22 -10.69 -15.11
C MET A 260 6.53 -10.15 -16.34
N VAL A 261 5.21 -10.04 -16.21
CA VAL A 261 4.42 -9.37 -17.23
C VAL A 261 3.67 -8.30 -16.50
N ILE A 262 3.61 -7.13 -17.10
CA ILE A 262 2.99 -6.01 -16.52
C ILE A 262 1.84 -5.58 -17.42
N GLY A 263 0.67 -5.36 -16.81
CA GLY A 263 -0.47 -4.87 -17.54
C GLY A 263 -0.43 -3.42 -17.88
N ARG A 264 -1.22 -3.05 -18.87
CA ARG A 264 -1.34 -1.66 -19.28
C ARG A 264 -1.83 -0.84 -18.14
N PHE A 265 -1.21 0.35 -18.00
CA PHE A 265 -1.59 1.27 -17.01
C PHE A 265 -2.66 2.12 -17.56
N GLN A 266 -3.46 2.66 -16.67
CA GLN A 266 -4.43 3.64 -17.03
C GLN A 266 -3.69 4.92 -17.39
N GLN A 267 -4.41 5.83 -18.05
CA GLN A 267 -3.82 7.06 -18.55
C GLN A 267 -3.46 8.01 -17.43
N LYS A 268 -4.33 8.19 -16.44
CA LYS A 268 -4.06 9.18 -15.38
C LYS A 268 -2.76 8.88 -14.55
N THR A 269 -2.34 7.63 -14.56
CA THR A 269 -1.17 7.22 -13.86
C THR A 269 0.03 7.89 -14.46
N ALA A 270 -0.05 8.17 -15.76
CA ALA A 270 1.04 8.85 -16.50
C ALA A 270 2.29 8.07 -16.48
N MET A 271 2.18 6.74 -16.59
CA MET A 271 3.36 5.93 -16.68
C MET A 271 3.97 6.12 -18.06
N THR A 272 5.28 6.34 -18.13
CA THR A 272 5.97 6.53 -19.39
C THR A 272 6.95 5.43 -19.46
N ALA A 273 7.38 5.16 -20.68
CA ALA A 273 8.35 4.12 -21.00
C ALA A 273 9.66 4.34 -20.26
N GLU A 274 10.10 5.60 -20.25
CA GLU A 274 11.29 5.95 -19.46
C GLU A 274 11.11 5.57 -17.96
N LYS A 275 10.01 6.02 -17.37
CA LYS A 275 9.79 5.78 -15.92
C LYS A 275 9.69 4.33 -15.62
N LEU A 276 8.90 3.63 -16.41
CA LEU A 276 8.78 2.18 -16.26
C LEU A 276 10.16 1.50 -16.41
N ALA A 277 10.89 1.86 -17.45
CA ALA A 277 12.25 1.32 -17.62
C ALA A 277 13.16 1.62 -16.38
N TYR A 278 13.10 2.86 -15.90
CA TYR A 278 13.89 3.23 -14.69
C TYR A 278 13.52 2.39 -13.47
N ILE A 279 12.23 2.17 -13.35
CA ILE A 279 11.72 1.46 -12.22
C ILE A 279 12.21 0.06 -12.23
N ILE A 280 12.04 -0.60 -13.36
CA ILE A 280 12.50 -2.00 -13.52
C ILE A 280 14.01 -2.11 -13.39
N GLU A 281 14.74 -1.16 -13.99
CA GLU A 281 16.22 -1.31 -14.05
C GLU A 281 16.86 -1.26 -12.67
N THR A 282 16.16 -0.66 -11.71
CA THR A 282 16.69 -0.51 -10.35
C THR A 282 16.25 -1.63 -9.45
N LYS A 283 15.48 -2.60 -9.95
CA LYS A 283 15.06 -3.73 -9.11
C LYS A 283 15.99 -4.91 -9.26
N THR A 284 16.43 -5.40 -8.13
CA THR A 284 17.49 -6.37 -8.05
C THR A 284 17.05 -7.76 -8.51
N ALA A 285 15.87 -8.14 -8.08
CA ALA A 285 15.32 -9.43 -8.36
C ALA A 285 14.91 -9.60 -9.82
N LEU A 286 14.93 -8.54 -10.59
CA LEU A 286 14.50 -8.60 -11.98
C LEU A 286 15.70 -8.58 -12.95
N GLN A 287 16.89 -8.76 -12.40
CA GLN A 287 18.08 -8.37 -13.13
C GLN A 287 18.27 -9.18 -14.42
N LYS A 288 18.01 -10.49 -14.32
CA LYS A 288 18.39 -11.45 -15.35
C LYS A 288 17.23 -11.92 -16.22
N ILE A 289 16.03 -11.92 -15.63
CA ILE A 289 14.84 -12.49 -16.20
C ILE A 289 14.16 -11.57 -17.18
N PRO A 290 13.26 -12.11 -18.00
CA PRO A 290 12.54 -11.29 -18.98
C PRO A 290 11.36 -10.52 -18.35
N VAL A 291 10.99 -9.39 -18.95
CA VAL A 291 9.96 -8.53 -18.43
C VAL A 291 9.19 -7.90 -19.57
N ILE A 292 7.86 -7.97 -19.54
CA ILE A 292 7.05 -7.38 -20.59
C ILE A 292 6.03 -6.46 -19.99
N SER A 293 5.64 -5.46 -20.76
CA SER A 293 4.64 -4.50 -20.36
C SER A 293 3.68 -4.33 -21.49
N GLY A 294 2.57 -3.65 -21.21
CA GLY A 294 1.50 -3.37 -22.16
C GLY A 294 0.49 -4.51 -22.35
N ALA A 295 0.45 -5.50 -21.46
CA ALA A 295 -0.48 -6.63 -21.59
C ALA A 295 -1.93 -6.28 -21.34
N ASP A 296 -2.83 -7.14 -21.83
CA ASP A 296 -4.29 -6.91 -21.74
C ASP A 296 -4.92 -7.44 -20.46
N PHE A 297 -4.39 -7.02 -19.33
CA PHE A 297 -5.06 -7.28 -18.05
C PHE A 297 -4.79 -6.07 -17.19
N GLY A 298 -5.63 -5.84 -16.17
CA GLY A 298 -5.54 -4.58 -15.46
C GLY A 298 -6.80 -3.79 -15.55
N HIS A 299 -6.68 -2.48 -15.35
CA HIS A 299 -7.86 -1.65 -15.36
C HIS A 299 -8.17 -0.94 -16.72
N THR A 300 -7.51 -1.29 -17.80
CA THR A 300 -7.97 -0.77 -19.09
C THR A 300 -8.86 -1.82 -19.70
N GLN A 301 -9.54 -1.44 -20.79
CA GLN A 301 -10.27 -2.42 -21.60
C GLN A 301 -9.46 -2.78 -22.80
N PRO A 302 -9.46 -4.05 -23.20
CA PRO A 302 -10.19 -5.16 -22.64
C PRO A 302 -9.29 -6.00 -21.70
N ILE A 303 -9.90 -6.74 -20.80
CA ILE A 303 -9.14 -7.67 -19.96
C ILE A 303 -9.20 -9.15 -20.34
N ALA A 304 -8.06 -9.79 -20.15
CA ALA A 304 -7.95 -11.22 -20.21
C ALA A 304 -8.31 -11.80 -18.85
N THR A 305 -8.32 -13.12 -18.81
CA THR A 305 -8.69 -13.87 -17.63
C THR A 305 -7.60 -14.91 -17.59
N PHE A 306 -6.92 -15.04 -16.43
CA PHE A 306 -5.80 -15.96 -16.27
C PHE A 306 -5.75 -16.57 -14.87
N PRO A 307 -5.07 -17.73 -14.74
CA PRO A 307 -5.06 -18.44 -13.47
C PRO A 307 -3.99 -17.99 -12.49
N ILE A 308 -4.42 -17.74 -11.25
CA ILE A 308 -3.50 -17.57 -10.15
C ILE A 308 -3.17 -18.94 -9.65
N GLY A 309 -1.90 -19.29 -9.75
CA GLY A 309 -1.50 -20.66 -9.45
C GLY A 309 -1.55 -21.58 -10.66
N GLY A 310 -1.92 -21.05 -11.83
CA GLY A 310 -1.71 -21.77 -13.08
C GLY A 310 -0.34 -21.42 -13.66
N THR A 311 0.09 -22.10 -14.72
CA THR A 311 1.43 -21.88 -15.28
C THR A 311 1.44 -21.08 -16.58
N ALA A 312 2.55 -20.38 -16.83
CA ALA A 312 2.74 -19.65 -18.09
C ALA A 312 4.16 -19.83 -18.64
N ARG A 313 4.33 -19.51 -19.92
CA ARG A 313 5.64 -19.41 -20.55
C ARG A 313 5.75 -18.04 -21.20
N ILE A 314 6.93 -17.46 -21.05
CA ILE A 314 7.22 -16.24 -21.72
C ILE A 314 8.29 -16.55 -22.74
N ASP A 315 8.13 -16.02 -23.94
CA ASP A 315 9.19 -16.10 -24.92
C ASP A 315 9.12 -14.80 -25.65
N THR A 316 10.14 -13.98 -25.42
CA THR A 316 10.18 -12.63 -25.97
C THR A 316 10.44 -12.59 -27.50
N ASN A 317 11.06 -13.64 -28.06
CA ASN A 317 11.40 -13.70 -29.50
C ASN A 317 10.19 -14.03 -30.38
N GLN A 318 9.25 -14.78 -29.80
CA GLN A 318 8.00 -15.20 -30.47
C GLN A 318 7.02 -14.05 -30.65
N THR A 319 5.90 -14.30 -31.34
CA THR A 319 4.90 -13.24 -31.64
C THR A 319 3.87 -13.17 -30.53
N ASP A 320 3.44 -14.36 -30.11
CA ASP A 320 2.60 -14.54 -28.98
C ASP A 320 3.53 -14.88 -27.80
N LYS A 321 3.80 -13.82 -27.03
CA LYS A 321 4.84 -13.84 -26.00
C LYS A 321 4.40 -14.50 -24.70
N ILE A 322 3.09 -14.51 -24.45
CA ILE A 322 2.55 -15.07 -23.23
C ILE A 322 1.69 -16.31 -23.53
N GLN A 323 2.16 -17.48 -23.12
CA GLN A 323 1.36 -18.70 -23.22
C GLN A 323 0.91 -19.14 -21.83
N ILE A 324 -0.41 -19.40 -21.68
CA ILE A 324 -0.96 -20.03 -20.49
C ILE A 324 -1.03 -21.52 -20.77
N ILE A 325 -0.55 -22.35 -19.85
CA ILE A 325 -0.43 -23.78 -20.05
C ILE A 325 -1.39 -24.48 -19.10
N ARG A 326 -1.02 -24.71 -17.84
CA ARG A 326 -2.00 -25.14 -16.84
C ARG A 326 -2.97 -23.99 -16.53
N HIS A 327 -4.27 -24.28 -16.51
CA HIS A 327 -5.23 -23.25 -16.18
C HIS A 327 -6.59 -23.83 -15.98
N ASN B 2 16.88 -2.45 26.99
CA ASN B 2 16.05 -1.67 26.04
C ASN B 2 16.91 -1.19 24.82
N ALA B 3 16.42 -0.20 24.08
CA ALA B 3 17.11 0.32 22.91
C ALA B 3 18.33 1.18 23.30
N MET B 4 18.95 1.86 22.33
CA MET B 4 19.87 2.97 22.60
C MET B 4 19.17 4.32 22.37
N ILE B 5 19.50 5.31 23.19
CA ILE B 5 19.01 6.66 22.99
C ILE B 5 20.13 7.53 22.50
N PRO B 6 19.95 8.16 21.36
CA PRO B 6 21.02 9.00 20.93
C PRO B 6 21.08 10.26 21.82
N ALA B 7 22.31 10.73 22.02
CA ALA B 7 22.62 11.95 22.73
C ALA B 7 21.68 13.08 22.31
N LYS B 8 21.09 13.77 23.28
CA LYS B 8 20.23 14.88 23.00
C LYS B 8 21.03 15.99 22.43
N LEU B 9 20.38 16.85 21.69
CA LEU B 9 21.06 17.86 20.92
C LEU B 9 21.45 19.00 21.87
N LYS B 10 22.75 19.29 21.93
CA LYS B 10 23.29 20.43 22.71
C LYS B 10 23.22 21.65 21.80
N GLN B 11 23.77 22.77 22.27
CA GLN B 11 23.67 24.06 21.59
C GLN B 11 24.93 24.30 20.80
N GLY B 12 24.78 24.83 19.57
CA GLY B 12 25.89 24.98 18.64
C GLY B 12 26.22 23.70 17.86
N ASP B 13 25.64 22.57 18.28
CA ASP B 13 25.76 21.25 17.59
C ASP B 13 25.43 21.28 16.08
N GLU B 14 26.15 20.45 15.32
CA GLU B 14 26.03 20.44 13.85
C GLU B 14 24.89 19.51 13.40
N ILE B 15 24.07 20.01 12.49
CA ILE B 15 22.94 19.25 11.93
C ILE B 15 23.14 19.07 10.42
N ARG B 16 23.15 17.81 9.98
CA ARG B 16 23.32 17.47 8.57
C ARG B 16 21.94 17.18 7.97
N ILE B 17 21.68 17.81 6.84
CA ILE B 17 20.49 17.63 6.07
C ILE B 17 20.78 16.67 4.88
N ILE B 18 19.94 15.67 4.72
CA ILE B 18 20.05 14.70 3.65
C ILE B 18 18.73 14.57 2.90
N ALA B 19 18.76 13.91 1.75
CA ALA B 19 17.56 13.72 0.93
C ALA B 19 17.40 12.30 0.46
N PRO B 20 17.13 11.36 1.40
CA PRO B 20 16.86 9.98 1.11
C PRO B 20 15.55 9.71 0.41
N SER B 21 14.65 10.70 0.33
CA SER B 21 13.47 10.54 -0.51
C SER B 21 13.56 11.46 -1.72
N ARG B 22 12.76 12.50 -1.74
CA ARG B 22 12.81 13.46 -2.78
C ARG B 22 13.98 14.43 -2.58
N SER B 23 14.49 14.93 -3.70
CA SER B 23 15.61 15.83 -3.72
C SER B 23 15.22 17.18 -3.13
N ILE B 24 16.22 17.89 -2.63
CA ILE B 24 16.07 19.29 -2.20
C ILE B 24 15.75 20.21 -3.37
N GLY B 25 16.00 19.77 -4.59
CA GLY B 25 15.63 20.53 -5.76
C GLY B 25 14.14 20.80 -5.94
N ILE B 26 13.26 20.14 -5.17
CA ILE B 26 11.83 20.46 -5.25
C ILE B 26 11.50 21.64 -4.36
N MET B 27 12.46 22.02 -3.52
CA MET B 27 12.34 23.24 -2.71
C MET B 27 12.88 24.46 -3.42
N ALA B 28 12.11 25.54 -3.41
CA ALA B 28 12.59 26.85 -3.90
C ALA B 28 13.79 27.33 -3.07
N ASP B 29 14.70 28.08 -3.72
CA ASP B 29 15.92 28.58 -3.07
C ASP B 29 15.54 29.33 -1.77
N ASN B 30 14.48 30.13 -1.82
CA ASN B 30 14.14 30.96 -0.67
C ASN B 30 13.46 30.20 0.49
N GLN B 31 12.72 29.15 0.16
CA GLN B 31 12.18 28.23 1.17
C GLN B 31 13.30 27.52 1.96
N VAL B 32 14.41 27.21 1.28
CA VAL B 32 15.58 26.60 1.98
C VAL B 32 16.28 27.64 2.85
N GLU B 33 16.43 28.86 2.34
CA GLU B 33 17.02 29.98 3.08
C GLU B 33 16.24 30.17 4.40
N ILE B 34 14.92 30.10 4.32
CA ILE B 34 14.08 30.25 5.51
C ILE B 34 14.37 29.16 6.54
N ALA B 35 14.38 27.91 6.10
CA ALA B 35 14.59 26.81 7.05
C ALA B 35 15.97 26.85 7.62
N VAL B 36 16.92 27.33 6.83
CA VAL B 36 18.29 27.39 7.32
C VAL B 36 18.40 28.43 8.43
N ASN B 37 17.76 29.57 8.22
CA ASN B 37 17.80 30.64 9.22
C ASN B 37 17.09 30.24 10.51
N ARG B 38 15.90 29.68 10.33
CA ARG B 38 15.15 29.14 11.46
C ARG B 38 15.96 28.21 12.36
N LEU B 39 16.65 27.26 11.78
CA LEU B 39 17.37 26.26 12.57
C LEU B 39 18.69 26.80 13.12
N THR B 40 19.17 27.86 12.48
CA THR B 40 20.38 28.56 12.93
C THR B 40 20.00 29.39 14.14
N ASP B 41 18.92 30.18 14.04
CA ASP B 41 18.33 30.90 15.18
C ASP B 41 18.09 29.99 16.36
N MET B 42 17.59 28.78 16.12
CA MET B 42 17.39 27.81 17.22
C MET B 42 18.74 27.39 17.78
N GLY B 43 19.80 27.92 17.16
CA GLY B 43 21.16 27.73 17.66
C GLY B 43 21.93 26.51 17.19
N PHE B 44 21.80 26.15 15.90
CA PHE B 44 22.51 24.97 15.35
C PHE B 44 23.29 25.28 14.11
N LYS B 45 24.37 24.53 13.87
CA LYS B 45 25.10 24.64 12.59
C LYS B 45 24.47 23.71 11.58
N VAL B 46 23.86 24.30 10.56
CA VAL B 46 23.24 23.55 9.48
C VAL B 46 24.21 23.20 8.34
N THR B 47 24.36 21.91 8.05
CA THR B 47 25.09 21.48 6.84
C THR B 47 24.28 20.49 5.97
N PHE B 48 24.67 20.37 4.71
CA PHE B 48 24.00 19.58 3.69
C PHE B 48 24.86 18.47 3.16
N GLY B 49 24.31 17.27 3.03
CA GLY B 49 25.03 16.14 2.38
C GLY B 49 25.50 16.55 0.99
N GLU B 50 26.59 15.94 0.53
CA GLU B 50 27.15 16.25 -0.82
C GLU B 50 26.10 16.09 -1.95
N HIS B 51 25.22 15.09 -1.84
CA HIS B 51 24.29 14.76 -2.93
C HIS B 51 22.89 15.34 -2.84
N VAL B 52 22.59 16.13 -1.81
CA VAL B 52 21.18 16.50 -1.60
C VAL B 52 20.48 17.14 -2.80
N ALA B 53 21.23 17.77 -3.70
CA ALA B 53 20.59 18.43 -4.84
C ALA B 53 20.55 17.60 -6.13
N GLU B 54 21.06 16.38 -6.13
CA GLU B 54 20.79 15.53 -7.30
C GLU B 54 19.33 15.21 -7.44
N MET B 55 18.93 15.02 -8.70
CA MET B 55 17.58 15.15 -9.17
C MET B 55 17.42 14.23 -10.39
N ASP B 56 16.52 13.28 -10.30
CA ASP B 56 16.15 12.40 -11.40
C ASP B 56 14.72 12.65 -11.85
N CYS B 57 14.25 11.86 -12.80
CA CYS B 57 12.91 12.01 -13.34
C CYS B 57 11.80 11.75 -12.30
N MET B 58 12.14 11.12 -11.19
CA MET B 58 11.20 10.83 -10.12
C MET B 58 11.31 11.88 -9.04
N MET B 59 11.97 13.02 -9.34
CA MET B 59 12.19 14.10 -8.37
C MET B 59 13.00 13.60 -7.18
N SER B 60 13.76 12.54 -7.37
CA SER B 60 14.57 11.99 -6.30
C SER B 60 16.00 11.81 -6.83
N SER B 61 16.70 10.79 -6.36
CA SER B 61 18.10 10.69 -6.70
C SER B 61 18.50 9.24 -6.61
N SER B 62 19.68 8.90 -7.09
CA SER B 62 20.07 7.50 -7.22
C SER B 62 20.26 6.89 -5.83
N ILE B 63 20.13 5.60 -5.75
CA ILE B 63 20.36 4.88 -4.49
C ILE B 63 21.72 5.17 -3.90
N ARG B 64 22.74 5.01 -4.73
CA ARG B 64 24.08 5.07 -4.20
C ARG B 64 24.41 6.51 -3.74
N SER B 65 23.91 7.55 -4.40
CA SER B 65 24.04 8.88 -3.87
C SER B 65 23.44 9.05 -2.46
N ARG B 66 22.19 8.60 -2.30
CA ARG B 66 21.49 8.74 -1.03
C ARG B 66 22.16 7.99 0.07
N VAL B 67 22.57 6.77 -0.24
CA VAL B 67 23.30 5.92 0.72
C VAL B 67 24.66 6.54 1.17
N ALA B 68 25.28 7.29 0.29
CA ALA B 68 26.57 7.94 0.57
C ALA B 68 26.39 9.10 1.58
N ASP B 69 25.47 10.01 1.28
CA ASP B 69 25.11 11.09 2.21
C ASP B 69 24.70 10.54 3.58
N ILE B 70 24.01 9.41 3.60
CA ILE B 70 23.59 8.81 4.85
C ILE B 70 24.79 8.33 5.64
N HIS B 71 25.70 7.62 4.98
CA HIS B 71 26.90 7.10 5.64
C HIS B 71 27.91 8.16 6.03
N GLU B 72 28.18 9.10 5.13
CA GLU B 72 29.02 10.25 5.44
C GLU B 72 28.46 11.01 6.66
N ALA B 73 27.14 10.97 6.87
CA ALA B 73 26.50 11.76 7.93
C ALA B 73 26.54 11.05 9.28
N PHE B 74 26.43 9.73 9.29
CA PHE B 74 26.54 9.00 10.52
C PHE B 74 27.98 8.91 10.97
N ASN B 75 28.88 8.93 10.02
CA ASN B 75 30.26 8.65 10.32
C ASN B 75 31.01 9.92 10.74
N ASP B 76 30.52 11.07 10.28
CA ASP B 76 31.11 12.34 10.62
C ASP B 76 30.70 12.60 12.04
N SER B 77 31.65 13.00 12.87
CA SER B 77 31.39 12.98 14.33
C SER B 77 30.98 14.38 14.84
N SER B 78 31.21 15.41 14.05
CA SER B 78 30.66 16.71 14.40
C SER B 78 29.13 16.69 14.31
N VAL B 79 28.62 15.87 13.38
CA VAL B 79 27.16 15.72 13.12
C VAL B 79 26.46 15.02 14.29
N LYS B 80 25.52 15.71 14.93
CA LYS B 80 24.78 15.14 16.09
C LYS B 80 23.30 14.88 15.80
N ALA B 81 22.77 15.45 14.74
CA ALA B 81 21.46 15.07 14.27
C ALA B 81 21.44 15.11 12.75
N ILE B 82 20.62 14.22 12.18
CA ILE B 82 20.38 14.16 10.76
C ILE B 82 18.87 14.43 10.53
N LEU B 83 18.58 15.45 9.73
CA LEU B 83 17.24 15.72 9.33
C LEU B 83 17.04 15.45 7.85
N THR B 84 15.90 14.87 7.50
CA THR B 84 15.61 14.59 6.12
C THR B 84 15.06 15.86 5.52
N VAL B 85 15.44 16.14 4.28
CA VAL B 85 14.88 17.29 3.59
C VAL B 85 13.36 17.23 3.60
N ILE B 86 12.83 16.11 3.13
CA ILE B 86 11.41 15.97 2.97
C ILE B 86 11.14 14.54 2.66
N GLY B 87 9.87 14.13 2.62
CA GLY B 87 9.52 12.73 2.32
C GLY B 87 9.32 12.56 0.80
N GLY B 88 8.47 11.60 0.45
CA GLY B 88 8.19 11.22 -0.93
C GLY B 88 7.84 9.76 -0.96
N PHE B 89 8.67 8.92 -1.58
CA PHE B 89 8.20 7.58 -1.99
C PHE B 89 9.15 6.42 -1.87
N ASN B 90 10.46 6.71 -1.88
CA ASN B 90 11.44 5.69 -2.24
C ASN B 90 12.51 5.45 -1.23
N SER B 91 12.30 5.82 0.03
CA SER B 91 13.34 5.55 0.99
C SER B 91 13.44 4.06 1.20
N ASN B 92 12.39 3.32 0.90
CA ASN B 92 12.46 1.83 1.05
C ASN B 92 13.49 1.11 0.08
N GLN B 93 13.74 1.66 -1.11
CA GLN B 93 14.85 1.26 -2.00
C GLN B 93 16.21 1.18 -1.34
N LEU B 94 16.48 2.05 -0.39
CA LEU B 94 17.80 2.19 0.23
C LEU B 94 18.13 1.08 1.23
N LEU B 95 17.10 0.48 1.79
CA LEU B 95 17.30 -0.39 2.98
C LEU B 95 18.33 -1.53 2.85
N PRO B 96 18.35 -2.29 1.73
CA PRO B 96 19.29 -3.42 1.61
C PRO B 96 20.74 -2.99 1.52
N TYR B 97 20.99 -1.74 1.20
CA TYR B 97 22.29 -1.22 0.90
C TYR B 97 22.94 -0.46 2.06
N LEU B 98 22.25 -0.34 3.18
CA LEU B 98 22.77 0.46 4.29
C LEU B 98 23.69 -0.36 5.17
N ASP B 99 24.76 0.27 5.64
CA ASP B 99 25.71 -0.34 6.57
C ASP B 99 25.16 -0.14 7.96
N TYR B 100 24.45 -1.13 8.45
CA TYR B 100 23.79 -0.98 9.73
C TYR B 100 24.80 -0.97 10.83
N ASP B 101 25.91 -1.69 10.65
CA ASP B 101 26.94 -1.80 11.70
C ASP B 101 27.58 -0.45 11.93
N LEU B 102 27.87 0.24 10.85
CA LEU B 102 28.40 1.60 10.95
C LEU B 102 27.45 2.54 11.66
N ILE B 103 26.16 2.44 11.34
CA ILE B 103 25.12 3.22 12.03
C ILE B 103 25.04 2.86 13.52
N SER B 104 25.03 1.57 13.82
CA SER B 104 24.98 1.06 15.20
C SER B 104 26.09 1.62 16.10
N GLU B 105 27.24 1.93 15.52
CA GLU B 105 28.37 2.47 16.28
C GLU B 105 28.55 3.96 16.10
N ASN B 106 27.56 4.61 15.49
CA ASN B 106 27.55 6.07 15.45
C ASN B 106 26.19 6.60 15.87
N PRO B 107 25.66 6.15 17.01
CA PRO B 107 24.35 6.58 17.45
C PRO B 107 24.17 8.10 17.44
N LYS B 108 23.06 8.53 16.85
CA LYS B 108 22.68 9.91 16.82
C LYS B 108 21.25 10.09 16.27
N ILE B 109 20.79 11.32 16.34
CA ILE B 109 19.43 11.63 16.04
C ILE B 109 19.21 11.54 14.53
N LEU B 110 18.17 10.79 14.15
CA LEU B 110 17.64 10.86 12.80
C LEU B 110 16.18 11.22 12.86
N CYS B 111 15.80 12.33 12.25
CA CYS B 111 14.43 12.73 12.35
C CYS B 111 13.80 13.10 11.00
N GLY B 112 12.54 12.74 10.81
CA GLY B 112 11.78 13.14 9.61
C GLY B 112 10.50 12.34 9.70
N PHE B 113 9.59 12.46 8.75
CA PHE B 113 8.38 11.64 8.80
C PHE B 113 7.85 11.26 7.41
N ALA B 114 6.67 10.67 7.40
CA ALA B 114 6.03 10.23 6.18
C ALA B 114 6.81 9.06 5.50
N ASP B 115 7.29 9.24 4.26
CA ASP B 115 8.10 8.18 3.64
C ASP B 115 9.29 7.72 4.48
N ILE B 116 9.90 8.64 5.21
CA ILE B 116 11.02 8.41 6.10
C ILE B 116 10.73 7.40 7.17
N THR B 117 9.46 7.16 7.44
CA THR B 117 9.08 6.10 8.30
C THR B 117 9.82 4.80 7.94
N ALA B 118 10.01 4.53 6.64
CA ALA B 118 10.64 3.27 6.25
C ALA B 118 12.11 3.20 6.68
N LEU B 119 12.83 4.25 6.34
CA LEU B 119 14.24 4.39 6.72
C LEU B 119 14.41 4.36 8.25
N ALA B 120 13.57 5.10 8.96
CA ALA B 120 13.73 5.26 10.38
C ALA B 120 13.43 4.00 11.09
N THR B 121 12.31 3.38 10.76
CA THR B 121 11.94 2.14 11.38
C THR B 121 12.98 1.06 11.14
N ALA B 122 13.48 0.96 9.91
CA ALA B 122 14.45 -0.07 9.56
C ALA B 122 15.74 0.10 10.40
N ILE B 123 16.28 1.32 10.44
CA ILE B 123 17.43 1.60 11.29
C ILE B 123 17.19 1.11 12.71
N TYR B 124 16.00 1.33 13.23
CA TYR B 124 15.62 0.95 14.57
C TYR B 124 15.56 -0.58 14.69
N THR B 125 14.88 -1.27 13.79
CA THR B 125 14.76 -2.72 13.91
C THR B 125 16.11 -3.45 13.72
N GLN B 126 17.04 -2.83 12.98
CA GLN B 126 18.30 -3.45 12.63
C GLN B 126 19.41 -3.14 13.62
N THR B 127 19.47 -1.88 14.07
CA THR B 127 20.48 -1.46 15.03
C THR B 127 19.90 -1.23 16.40
N GLU B 128 18.60 -1.15 16.53
CA GLU B 128 17.95 -0.71 17.78
C GLU B 128 18.48 0.62 18.34
N LEU B 129 19.01 1.47 17.46
CA LEU B 129 19.10 2.89 17.71
C LEU B 129 17.70 3.50 17.57
N ILE B 130 17.28 4.29 18.56
CA ILE B 130 16.01 4.99 18.46
C ILE B 130 16.02 6.12 17.46
N THR B 131 15.00 6.16 16.61
CA THR B 131 14.88 7.20 15.58
C THR B 131 13.59 7.98 15.88
N TYR B 132 13.30 8.99 15.07
CA TYR B 132 12.21 9.89 15.34
C TYR B 132 11.32 10.18 14.09
N SER B 133 10.01 10.17 14.32
CA SER B 133 9.05 10.65 13.39
C SER B 133 8.73 12.06 13.78
N GLY B 134 9.19 13.00 12.99
CA GLY B 134 9.05 14.41 13.32
C GLY B 134 9.45 15.28 12.17
N ALA B 135 9.86 16.50 12.50
CA ALA B 135 10.01 17.54 11.50
C ALA B 135 11.08 17.18 10.47
N HIS B 136 10.80 17.46 9.21
CA HIS B 136 11.83 17.58 8.17
C HIS B 136 12.53 18.91 8.30
N PHE B 137 13.67 19.03 7.67
CA PHE B 137 14.31 20.27 7.47
C PHE B 137 13.31 21.22 6.84
N SER B 138 12.52 20.73 5.91
CA SER B 138 11.59 21.58 5.19
C SER B 138 10.42 22.02 6.08
N SER B 139 10.19 21.25 7.13
CA SER B 139 9.16 21.62 8.12
C SER B 139 9.48 22.96 8.78
N PHE B 140 10.76 23.20 9.00
CA PHE B 140 11.21 24.46 9.56
C PHE B 140 11.22 25.66 8.63
N SER B 141 10.61 25.56 7.45
CA SER B 141 10.43 26.71 6.58
C SER B 141 9.02 27.33 6.64
N MET B 142 8.17 26.75 7.49
CA MET B 142 6.83 27.27 7.72
C MET B 142 6.93 28.57 8.58
N GLU B 143 6.34 29.65 8.07
CA GLU B 143 6.52 31.00 8.69
C GLU B 143 5.54 31.19 9.84
N LYS B 144 4.27 30.97 9.54
CA LYS B 144 3.24 30.93 10.56
C LYS B 144 3.05 29.55 11.28
N GLY B 145 2.98 29.60 12.61
CA GLY B 145 2.38 28.50 13.37
C GLY B 145 3.36 27.45 13.79
N LEU B 146 4.63 27.79 13.71
CA LEU B 146 5.73 26.91 13.97
C LEU B 146 5.93 26.63 15.44
N ASP B 147 5.49 27.56 16.27
CA ASP B 147 5.85 27.54 17.69
C ASP B 147 5.65 26.14 18.32
N TYR B 148 4.51 25.50 17.98
CA TYR B 148 4.26 24.13 18.44
C TYR B 148 5.37 23.15 18.01
N VAL B 149 5.77 23.26 16.72
CA VAL B 149 6.71 22.36 16.10
C VAL B 149 8.07 22.40 16.76
N MET B 150 8.56 23.62 17.03
CA MET B 150 9.88 23.77 17.73
C MET B 150 9.76 23.21 19.13
N GLU B 151 8.63 23.49 19.76
CA GLU B 151 8.45 23.09 21.15
C GLU B 151 8.52 21.57 21.28
N SER B 152 7.77 20.87 20.42
CA SER B 152 7.77 19.40 20.40
C SER B 152 9.15 18.88 19.99
N PHE B 153 9.73 19.53 19.00
CA PHE B 153 11.10 19.21 18.59
C PHE B 153 12.03 19.28 19.80
N SER B 154 11.96 20.40 20.54
CA SER B 154 12.75 20.60 21.77
C SER B 154 12.44 19.60 22.90
N ASP B 155 11.15 19.39 23.16
CA ASP B 155 10.76 18.36 24.15
C ASP B 155 11.40 17.02 23.87
N CYS B 156 11.37 16.63 22.59
CA CYS B 156 11.85 15.32 22.23
C CYS B 156 13.38 15.21 22.19
N LEU B 157 14.04 16.26 21.72
CA LEU B 157 15.46 16.12 21.29
C LEU B 157 16.49 16.98 22.04
N LEU B 158 16.03 18.02 22.74
CA LEU B 158 16.94 18.89 23.55
C LEU B 158 16.84 18.68 25.04
N GLN B 159 15.81 17.98 25.50
CA GLN B 159 15.58 17.72 26.90
C GLN B 159 15.41 16.21 27.08
N LYS B 160 15.72 15.69 28.27
CA LYS B 160 15.72 14.24 28.48
C LYS B 160 14.51 13.71 29.21
N GLU B 161 13.64 14.58 29.69
CA GLU B 161 12.55 14.10 30.54
C GLU B 161 11.21 13.88 29.86
N PRO B 162 10.31 13.11 30.51
CA PRO B 162 9.03 12.93 29.89
C PRO B 162 8.39 14.17 29.37
N PHE B 163 7.37 13.99 28.56
CA PHE B 163 6.59 15.11 28.11
C PHE B 163 5.34 14.58 27.51
N ALA B 164 4.38 15.44 27.26
CA ALA B 164 3.10 15.04 26.77
C ALA B 164 2.96 15.46 25.33
N LEU B 165 2.43 14.54 24.52
CA LEU B 165 2.12 14.87 23.15
C LEU B 165 0.83 15.65 23.17
N LYS B 166 0.99 16.93 23.49
CA LYS B 166 -0.14 17.75 23.90
C LYS B 166 -1.02 18.20 22.76
N GLU B 167 -2.31 18.36 23.05
CA GLU B 167 -3.24 18.90 22.07
C GLU B 167 -2.79 20.33 21.72
N SER B 168 -2.91 20.71 20.46
CA SER B 168 -2.54 22.04 20.02
C SER B 168 -3.77 22.86 20.23
N ALA B 169 -3.60 24.17 20.27
CA ALA B 169 -4.76 25.05 20.36
C ALA B 169 -5.42 25.17 19.02
N THR B 170 -4.62 25.27 17.99
CA THR B 170 -5.18 25.26 16.64
C THR B 170 -4.41 24.32 15.68
N TRP B 171 -5.01 24.07 14.53
CA TRP B 171 -4.40 23.22 13.56
C TRP B 171 -4.82 23.70 12.20
N SER B 172 -4.10 23.24 11.18
CA SER B 172 -4.40 23.62 9.82
C SER B 172 -4.04 22.48 8.86
N ASP B 173 -4.58 22.61 7.67
CA ASP B 173 -4.31 21.74 6.55
C ASP B 173 -4.13 22.62 5.34
N ASP B 174 -3.00 23.29 5.30
CA ASP B 174 -2.68 24.28 4.30
C ASP B 174 -1.50 23.90 3.43
N GLU B 175 -1.56 24.30 2.15
CA GLU B 175 -0.41 24.28 1.25
C GLU B 175 0.42 25.51 1.56
N TRP B 176 1.01 25.51 2.75
CA TRP B 176 1.69 26.70 3.27
C TRP B 176 2.99 27.05 2.55
N TYR B 177 3.72 26.05 2.08
CA TYR B 177 4.92 26.31 1.23
C TYR B 177 4.58 27.14 -0.03
N LEU B 178 3.32 27.15 -0.45
CA LEU B 178 2.90 27.93 -1.60
C LEU B 178 2.24 29.24 -1.22
N ASP B 179 1.77 29.36 0.02
CA ASP B 179 1.09 30.57 0.47
C ASP B 179 1.34 30.67 1.95
N GLN B 180 2.46 31.29 2.30
CA GLN B 180 2.88 31.33 3.69
C GLN B 180 1.99 32.24 4.56
N GLU B 181 1.27 33.18 3.94
CA GLU B 181 0.52 34.24 4.64
C GLU B 181 -0.97 33.90 4.81
N ASN B 182 -1.57 33.34 3.75
CA ASN B 182 -3.02 33.01 3.75
C ASN B 182 -3.36 31.64 4.36
N ARG B 183 -2.99 31.50 5.61
CA ARG B 183 -3.23 30.31 6.38
C ARG B 183 -4.65 30.31 6.90
N ASN B 184 -5.01 29.25 7.59
CA ASN B 184 -6.40 29.01 7.94
C ASN B 184 -6.47 28.10 9.16
N PHE B 185 -6.08 28.68 10.29
CA PHE B 185 -6.04 27.98 11.54
C PHE B 185 -7.46 27.69 12.03
N ILE B 186 -7.57 26.66 12.86
CA ILE B 186 -8.85 26.07 13.19
C ILE B 186 -8.75 25.68 14.62
N PRO B 187 -9.77 26.02 15.41
CA PRO B 187 -9.63 25.64 16.82
C PRO B 187 -9.70 24.11 16.95
N ASN B 188 -8.81 23.55 17.75
CA ASN B 188 -8.70 22.12 17.86
C ASN B 188 -9.67 21.52 18.89
N GLU B 189 -10.69 20.83 18.37
CA GLU B 189 -11.61 20.10 19.23
C GLU B 189 -10.91 19.01 20.04
N GLY B 190 -9.73 18.59 19.58
CA GLY B 190 -8.82 17.79 20.37
C GLY B 190 -8.92 16.28 20.15
N LEU B 191 -8.22 15.58 21.01
CA LEU B 191 -8.19 14.13 21.02
C LEU B 191 -9.56 13.55 21.29
N VAL B 192 -10.02 12.69 20.40
CA VAL B 192 -11.20 11.87 20.64
C VAL B 192 -10.78 10.53 21.26
N VAL B 193 -11.38 10.18 22.39
CA VAL B 193 -11.25 8.84 22.91
C VAL B 193 -12.23 7.94 22.19
N MET B 194 -11.72 7.06 21.35
CA MET B 194 -12.61 6.13 20.69
C MET B 194 -12.81 4.88 21.54
N GLN B 195 -11.84 4.61 22.42
CA GLN B 195 -11.87 3.44 23.28
C GLN B 195 -11.01 3.76 24.46
N PRO B 196 -11.60 3.71 25.67
CA PRO B 196 -10.86 4.17 26.85
C PRO B 196 -9.91 3.12 27.33
N GLY B 197 -8.93 3.54 28.12
CA GLY B 197 -7.97 2.62 28.67
C GLY B 197 -6.71 3.27 29.17
N VAL B 198 -5.93 2.46 29.86
CA VAL B 198 -4.56 2.80 30.24
C VAL B 198 -3.69 1.71 29.64
N ALA B 199 -2.49 2.10 29.16
CA ALA B 199 -1.55 1.21 28.51
C ALA B 199 -0.15 1.84 28.36
N GLU B 200 0.86 0.99 28.42
CA GLU B 200 2.25 1.41 28.29
C GLU B 200 2.99 0.42 27.35
N GLY B 201 3.83 0.94 26.44
CA GLY B 201 4.52 0.05 25.51
C GLY B 201 5.48 0.79 24.64
N ILE B 202 6.12 0.08 23.71
CA ILE B 202 7.05 0.71 22.76
C ILE B 202 6.29 1.41 21.62
N ILE B 203 6.75 2.58 21.26
CA ILE B 203 6.18 3.28 20.16
C ILE B 203 6.69 2.76 18.83
N ILE B 204 5.74 2.35 18.01
CA ILE B 204 6.00 2.04 16.62
C ILE B 204 4.98 2.82 15.84
N GLY B 205 5.44 3.49 14.79
CA GLY B 205 4.52 3.84 13.71
C GLY B 205 5.03 4.94 12.84
N GLY B 206 4.15 5.91 12.54
CA GLY B 206 4.40 6.91 11.50
C GLY B 206 3.40 6.70 10.37
N ASN B 207 3.86 6.83 9.14
CA ASN B 207 2.98 6.70 7.96
C ASN B 207 2.58 5.25 7.70
N LEU B 208 1.28 5.01 7.64
CA LEU B 208 0.75 3.68 7.60
C LEU B 208 1.10 2.91 6.31
N CYS B 209 0.76 3.51 5.17
CA CYS B 209 1.03 2.84 3.91
C CYS B 209 2.54 2.68 3.66
N THR B 210 3.36 3.45 4.34
CA THR B 210 4.80 3.34 4.29
C THR B 210 5.27 2.21 5.14
N LEU B 211 4.69 2.05 6.32
CA LEU B 211 5.11 0.98 7.21
C LEU B 211 4.69 -0.35 6.62
N ASN B 212 3.53 -0.34 5.97
CA ASN B 212 3.07 -1.52 5.23
C ASN B 212 4.18 -2.06 4.32
N LEU B 213 5.02 -1.20 3.79
CA LEU B 213 5.99 -1.61 2.81
C LEU B 213 7.10 -2.51 3.36
N LEU B 214 7.33 -2.49 4.67
CA LEU B 214 8.33 -3.35 5.31
C LEU B 214 7.77 -4.72 5.70
N GLN B 215 6.46 -4.87 5.63
CA GLN B 215 5.84 -6.08 6.01
C GLN B 215 6.41 -7.27 5.18
N GLY B 216 6.63 -8.41 5.84
CA GLY B 216 7.19 -9.57 5.14
C GLY B 216 8.69 -9.48 4.94
N THR B 217 9.30 -8.41 5.41
CA THR B 217 10.75 -8.27 5.38
C THR B 217 11.33 -8.31 6.78
N GLU B 218 12.63 -8.44 6.82
CA GLU B 218 13.35 -8.52 8.10
C GLU B 218 13.42 -7.13 8.73
N TYR B 219 13.04 -6.10 7.99
CA TYR B 219 13.04 -4.76 8.52
C TYR B 219 11.75 -4.44 9.30
N MET B 220 10.82 -5.37 9.36
CA MET B 220 9.55 -5.14 10.04
C MET B 220 9.68 -5.32 11.53
N PRO B 221 9.23 -4.34 12.33
CA PRO B 221 9.23 -4.59 13.78
C PRO B 221 8.10 -5.49 14.18
N ASN B 222 8.39 -6.32 15.18
CA ASN B 222 7.38 -7.10 15.81
C ASN B 222 6.50 -6.10 16.55
N LEU B 223 5.23 -6.41 16.67
CA LEU B 223 4.28 -5.44 17.23
C LEU B 223 3.82 -5.77 18.64
N ALA B 224 4.44 -6.78 19.25
CA ALA B 224 4.03 -7.19 20.61
C ALA B 224 4.46 -6.13 21.65
N GLY B 225 3.52 -5.69 22.48
CA GLY B 225 3.81 -4.72 23.51
C GLY B 225 4.15 -3.36 22.94
N THR B 226 3.41 -2.95 21.90
CA THR B 226 3.66 -1.68 21.23
C THR B 226 2.44 -0.80 21.37
N ILE B 227 2.69 0.49 21.33
CA ILE B 227 1.64 1.50 21.12
C ILE B 227 1.82 2.00 19.68
N LEU B 228 0.83 1.73 18.82
CA LEU B 228 0.92 2.13 17.42
C LEU B 228 0.55 3.59 17.27
N PHE B 229 1.48 4.37 16.74
CA PHE B 229 1.15 5.73 16.38
C PHE B 229 1.04 5.76 14.91
N ILE B 230 -0.17 5.88 14.37
CA ILE B 230 -0.37 5.81 12.92
C ILE B 230 -1.04 7.02 12.41
N GLU B 231 -0.92 7.21 11.10
CA GLU B 231 -1.07 8.46 10.39
C GLU B 231 -1.07 8.14 8.87
N ASP B 232 -1.89 8.85 8.07
CA ASP B 232 -1.68 8.94 6.63
C ASP B 232 -2.24 10.22 6.02
N ASP B 233 -1.81 10.51 4.79
CA ASP B 233 -2.03 11.81 4.12
C ASP B 233 -3.25 11.80 3.26
N PHE B 234 -3.43 12.88 2.54
CA PHE B 234 -4.66 13.11 1.78
C PHE B 234 -4.91 12.15 0.69
N MET B 235 -3.91 11.38 0.30
CA MET B 235 -4.13 10.40 -0.77
C MET B 235 -4.89 9.18 -0.29
N THR B 236 -4.90 8.94 1.02
CA THR B 236 -5.67 7.84 1.57
C THR B 236 -7.10 8.30 1.75
N ILE B 237 -8.01 7.38 1.50
CA ILE B 237 -9.43 7.63 1.76
C ILE B 237 -9.78 6.59 2.82
N PRO B 238 -10.95 6.73 3.46
CA PRO B 238 -11.31 5.83 4.51
C PRO B 238 -11.14 4.37 4.18
N GLU B 239 -11.52 3.98 2.97
CA GLU B 239 -11.45 2.62 2.57
C GLU B 239 -9.97 2.14 2.51
N THR B 240 -9.05 3.01 2.14
CA THR B 240 -7.68 2.60 1.97
C THR B 240 -6.97 2.58 3.33
N PHE B 241 -7.29 3.54 4.16
CA PHE B 241 -6.83 3.50 5.53
C PHE B 241 -7.26 2.18 6.18
N ASP B 242 -8.47 1.72 5.87
CA ASP B 242 -8.97 0.50 6.48
C ASP B 242 -8.20 -0.72 6.04
N ARG B 243 -8.04 -0.89 4.72
CA ARG B 243 -7.38 -2.09 4.21
C ARG B 243 -5.91 -2.12 4.65
N ASP B 244 -5.28 -0.95 4.74
CA ASP B 244 -3.90 -0.85 5.16
C ASP B 244 -3.77 -1.17 6.65
N LEU B 245 -4.77 -0.74 7.41
CA LEU B 245 -4.79 -1.03 8.84
C LEU B 245 -5.02 -2.52 9.11
N GLU B 246 -5.97 -3.11 8.39
CA GLU B 246 -6.20 -4.56 8.47
C GLU B 246 -4.92 -5.30 8.20
N SER B 247 -4.21 -4.88 7.16
CA SER B 247 -2.96 -5.52 6.79
C SER B 247 -1.90 -5.42 7.93
N LEU B 248 -1.75 -4.25 8.52
CA LEU B 248 -0.83 -4.09 9.66
C LEU B 248 -1.19 -4.93 10.88
N LEU B 249 -2.47 -4.96 11.21
CA LEU B 249 -2.98 -5.66 12.38
C LEU B 249 -3.10 -7.16 12.16
N SER B 250 -2.54 -7.63 11.04
CA SER B 250 -2.42 -9.05 10.75
C SER B 250 -0.95 -9.44 10.86
N GLN B 251 -0.09 -8.50 11.12
CA GLN B 251 1.32 -8.80 11.23
C GLN B 251 1.70 -9.50 12.55
N PRO B 252 2.90 -10.13 12.58
CA PRO B 252 3.42 -10.81 13.80
C PRO B 252 3.48 -9.87 14.99
N GLY B 253 2.80 -10.26 16.07
CA GLY B 253 2.73 -9.42 17.27
C GLY B 253 1.47 -8.59 17.42
N ALA B 254 0.63 -8.50 16.38
CA ALA B 254 -0.57 -7.64 16.44
C ALA B 254 -1.60 -8.12 17.46
N ASP B 255 -1.69 -9.42 17.71
CA ASP B 255 -2.46 -9.93 18.86
C ASP B 255 -2.00 -9.41 20.26
N GLU B 256 -0.86 -8.75 20.38
CA GLU B 256 -0.42 -8.22 21.68
C GLU B 256 -0.09 -6.72 21.63
N ILE B 257 -0.87 -5.95 20.88
CA ILE B 257 -0.77 -4.48 20.87
C ILE B 257 -1.38 -3.93 22.18
N GLU B 258 -0.73 -2.95 22.76
CA GLU B 258 -1.20 -2.32 23.99
C GLU B 258 -2.22 -1.19 23.74
N GLY B 259 -1.93 -0.33 22.77
CA GLY B 259 -2.87 0.72 22.38
C GLY B 259 -2.54 1.39 21.06
N MET B 260 -3.36 2.34 20.68
CA MET B 260 -3.17 2.97 19.40
C MET B 260 -3.51 4.44 19.45
N VAL B 261 -2.64 5.27 18.92
CA VAL B 261 -2.96 6.64 18.69
C VAL B 261 -2.98 6.93 17.18
N ILE B 262 -4.03 7.57 16.69
CA ILE B 262 -4.18 8.00 15.29
C ILE B 262 -4.03 9.54 15.14
N GLY B 263 -3.24 9.97 14.18
CA GLY B 263 -3.02 11.38 13.97
C GLY B 263 -4.13 11.97 13.10
N ARG B 264 -4.30 13.26 13.18
CA ARG B 264 -5.34 13.96 12.48
C ARG B 264 -5.26 13.74 10.97
N PHE B 265 -6.35 13.32 10.35
CA PHE B 265 -6.45 13.19 8.92
C PHE B 265 -6.53 14.54 8.23
N GLN B 266 -6.14 14.59 6.96
CA GLN B 266 -6.26 15.78 6.15
C GLN B 266 -7.67 15.79 5.67
N GLN B 267 -8.10 16.95 5.19
CA GLN B 267 -9.49 17.13 4.82
C GLN B 267 -9.91 16.42 3.54
N LYS B 268 -9.03 16.33 2.54
CA LYS B 268 -9.42 15.67 1.30
C LYS B 268 -9.65 14.17 1.59
N THR B 269 -9.18 13.68 2.73
CA THR B 269 -9.40 12.27 3.07
C THR B 269 -10.89 12.07 3.42
N ALA B 270 -11.49 13.12 3.98
CA ALA B 270 -12.89 13.07 4.38
C ALA B 270 -13.15 11.90 5.32
N MET B 271 -12.31 11.75 6.33
CA MET B 271 -12.57 10.77 7.37
C MET B 271 -13.58 11.32 8.36
N THR B 272 -14.77 10.74 8.42
CA THR B 272 -15.74 11.15 9.41
C THR B 272 -15.52 10.39 10.72
N ALA B 273 -15.88 11.00 11.84
CA ALA B 273 -15.88 10.28 13.13
C ALA B 273 -16.64 8.95 13.06
N GLU B 274 -17.66 8.91 12.23
CA GLU B 274 -18.45 7.73 12.07
C GLU B 274 -17.69 6.62 11.33
N LYS B 275 -17.07 7.00 10.20
CA LYS B 275 -16.29 6.04 9.41
C LYS B 275 -15.10 5.48 10.19
N LEU B 276 -14.42 6.36 10.88
CA LEU B 276 -13.34 5.95 11.67
C LEU B 276 -13.79 4.94 12.75
N ALA B 277 -14.96 5.18 13.33
CA ALA B 277 -15.44 4.28 14.39
C ALA B 277 -15.78 2.93 13.84
N TYR B 278 -16.31 2.91 12.64
CA TYR B 278 -16.69 1.66 12.00
C TYR B 278 -15.47 0.91 11.58
N ILE B 279 -14.39 1.63 11.28
CA ILE B 279 -13.18 1.00 10.83
C ILE B 279 -12.52 0.37 12.05
N ILE B 280 -12.37 1.15 13.13
CA ILE B 280 -11.83 0.60 14.37
C ILE B 280 -12.60 -0.60 14.92
N GLU B 281 -13.93 -0.58 14.93
CA GLU B 281 -14.69 -1.64 15.61
C GLU B 281 -14.65 -2.94 14.86
N THR B 282 -14.26 -2.91 13.60
CA THR B 282 -14.08 -4.15 12.86
C THR B 282 -12.69 -4.73 12.97
N LYS B 283 -11.79 -4.13 13.73
CA LYS B 283 -10.43 -4.64 13.87
C LYS B 283 -10.23 -5.49 15.14
N THR B 284 -10.06 -6.80 14.95
CA THR B 284 -9.87 -7.80 16.00
C THR B 284 -8.78 -7.44 17.00
N ALA B 285 -7.62 -7.07 16.50
CA ALA B 285 -6.51 -6.76 17.40
C ALA B 285 -6.70 -5.55 18.33
N LEU B 286 -7.72 -4.74 18.10
CA LEU B 286 -7.95 -3.53 18.91
C LEU B 286 -9.14 -3.67 19.89
N GLN B 287 -9.67 -4.89 20.06
CA GLN B 287 -10.94 -5.10 20.84
C GLN B 287 -10.97 -4.45 22.22
N LYS B 288 -9.96 -4.70 23.05
CA LYS B 288 -10.00 -4.31 24.45
C LYS B 288 -8.89 -3.32 24.79
N ILE B 289 -8.57 -2.39 23.89
CA ILE B 289 -7.42 -1.49 24.12
C ILE B 289 -7.78 -0.05 23.83
N PRO B 290 -7.07 0.89 24.43
CA PRO B 290 -7.35 2.27 24.17
C PRO B 290 -6.92 2.66 22.77
N VAL B 291 -7.76 3.51 22.16
CA VAL B 291 -7.55 4.07 20.86
C VAL B 291 -7.96 5.51 20.93
N ILE B 292 -7.00 6.39 20.61
CA ILE B 292 -7.23 7.82 20.55
C ILE B 292 -7.06 8.32 19.15
N SER B 293 -7.88 9.29 18.80
CA SER B 293 -7.90 9.89 17.48
C SER B 293 -7.57 11.40 17.61
N GLY B 294 -7.39 12.04 16.44
CA GLY B 294 -7.10 13.47 16.36
C GLY B 294 -5.79 13.98 16.92
N ALA B 295 -4.80 13.13 17.10
CA ALA B 295 -3.53 13.62 17.66
C ALA B 295 -2.74 14.55 16.71
N ASP B 296 -1.73 15.25 17.25
CA ASP B 296 -0.99 16.24 16.45
C ASP B 296 0.24 15.62 15.76
N PHE B 297 -0.01 14.69 14.83
CA PHE B 297 1.07 14.23 13.95
C PHE B 297 0.45 13.79 12.66
N GLY B 298 1.26 13.63 11.63
CA GLY B 298 0.66 13.40 10.31
C GLY B 298 0.90 14.58 9.41
N HIS B 299 0.00 14.76 8.50
CA HIS B 299 0.21 15.66 7.41
C HIS B 299 -0.51 16.97 7.54
N THR B 300 -1.13 17.22 8.69
CA THR B 300 -1.72 18.53 8.98
C THR B 300 -0.67 19.22 9.77
N GLN B 301 -0.84 20.52 9.92
CA GLN B 301 0.00 21.28 10.84
C GLN B 301 -0.76 21.63 12.07
N PRO B 302 -0.07 21.72 13.22
CA PRO B 302 1.36 21.51 13.42
C PRO B 302 1.68 20.04 13.61
N ILE B 303 2.98 19.68 13.55
CA ILE B 303 3.41 18.33 13.88
C ILE B 303 4.35 18.26 15.05
N ALA B 304 4.07 17.23 15.82
CA ALA B 304 4.83 16.82 16.92
C ALA B 304 5.96 15.90 16.40
N THR B 305 6.93 15.68 17.27
CA THR B 305 8.07 14.86 17.02
C THR B 305 8.07 13.81 18.12
N PHE B 306 8.12 12.53 17.77
CA PHE B 306 8.10 11.44 18.73
C PHE B 306 9.06 10.34 18.35
N PRO B 307 9.44 9.52 19.34
CA PRO B 307 10.48 8.52 19.08
C PRO B 307 9.90 7.20 18.58
N ILE B 308 10.57 6.59 17.62
CA ILE B 308 10.26 5.25 17.20
C ILE B 308 11.22 4.38 17.98
N GLY B 309 10.67 3.44 18.74
CA GLY B 309 11.48 2.62 19.68
C GLY B 309 11.51 3.16 21.10
N GLY B 310 11.07 4.41 21.28
CA GLY B 310 10.75 4.90 22.60
C GLY B 310 9.51 4.28 23.21
N THR B 311 9.04 4.90 24.28
CA THR B 311 7.96 4.34 25.11
C THR B 311 6.96 5.41 25.34
N ALA B 312 5.70 5.02 25.44
CA ALA B 312 4.62 5.95 25.72
C ALA B 312 3.66 5.30 26.70
N ARG B 313 2.99 6.14 27.49
CA ARG B 313 1.90 5.73 28.35
C ARG B 313 0.69 6.42 27.77
N ILE B 314 -0.41 5.70 27.69
CA ILE B 314 -1.69 6.28 27.30
C ILE B 314 -2.64 6.10 28.48
N ASP B 315 -3.29 7.18 28.88
CA ASP B 315 -4.22 7.21 30.01
C ASP B 315 -5.44 8.08 29.66
N THR B 316 -6.53 7.42 29.30
CA THR B 316 -7.76 8.11 28.89
C THR B 316 -8.38 9.00 30.01
N ASN B 317 -7.92 8.81 31.25
CA ASN B 317 -8.45 9.53 32.41
C ASN B 317 -7.73 10.83 32.70
N GLN B 318 -6.48 10.93 32.26
CA GLN B 318 -5.70 12.15 32.46
C GLN B 318 -6.13 13.16 31.43
N THR B 319 -5.66 14.40 31.59
CA THR B 319 -5.88 15.46 30.61
C THR B 319 -4.67 15.51 29.68
N ASP B 320 -3.54 15.04 30.16
CA ASP B 320 -2.37 14.68 29.36
C ASP B 320 -2.37 13.17 29.01
N LYS B 321 -3.15 12.82 27.98
CA LYS B 321 -3.53 11.42 27.70
C LYS B 321 -2.50 10.62 26.96
N ILE B 322 -1.60 11.35 26.29
CA ILE B 322 -0.49 10.76 25.60
C ILE B 322 0.79 11.23 26.25
N GLN B 323 1.47 10.32 26.93
CA GLN B 323 2.75 10.65 27.52
C GLN B 323 3.94 9.92 26.87
N ILE B 324 4.98 10.69 26.53
CA ILE B 324 6.22 10.16 26.01
C ILE B 324 7.20 10.07 27.16
N ILE B 325 7.53 8.84 27.58
CA ILE B 325 8.46 8.58 28.70
C ILE B 325 9.91 8.58 28.21
N ARG B 326 10.28 7.52 27.50
CA ARG B 326 11.64 7.36 26.97
C ARG B 326 11.79 7.99 25.57
N HIS B 327 12.85 8.79 25.38
CA HIS B 327 13.10 9.44 24.13
C HIS B 327 14.52 9.99 24.16
#